data_6ZXV
#
_entry.id   6ZXV
#
_cell.length_a   41.553
_cell.length_b   74.172
_cell.length_c   112.894
_cell.angle_alpha   90.000
_cell.angle_beta   93.510
_cell.angle_gamma   90.000
#
_symmetry.space_group_name_H-M   'P 1 21 1'
#
loop_
_entity.id
_entity.type
_entity.pdbx_description
1 polymer 'tRNA (Guanine(10)-N2)-dimethyltransferase'
2 non-polymer SINEFUNGIN
3 non-polymer 1,2-ETHANEDIOL
4 water water
#
_entity_poly.entity_id   1
_entity_poly.type   'polypeptide(L)'
_entity_poly.pdbx_seq_one_letter_code
;MASMTGGQQMGRGSMKFLFYLSADNLEIARKEVLVLAERYGWVEDYQFEERLLLLDYAGEKFFERLAYTNEVTKIYDICS
VSELEQVFSEIPVYDRLCCVRVKGGKGKTALERKLGALLWKRGAKVSVSNPEIVYKVYIQDDKCYVGLLEFERDTRQFFL
RRPDRRPFLMPSAIKPKLARALVNLTGVLEGETLLDPMCGTGSFLIEAGLMGINPIGIDFIEKIVRGCRVNLEYYGIEGS
VLLGDAKNLPLRDESVRGIATDYPYLRSTKAAGTLDELYSKTSEEFERVLKKGGRAAIVTNIDVESFFSNFEIEMKTEER
VHGSLTRRIYLLRRHHHHHH
;
_entity_poly.pdbx_strand_id   A,B
#
loop_
_chem_comp.id
_chem_comp.type
_chem_comp.name
_chem_comp.formula
EDO non-polymer 1,2-ETHANEDIOL 'C2 H6 O2'
SFG non-polymer SINEFUNGIN 'C15 H23 N7 O5'
#
# COMPACT_ATOMS: atom_id res chain seq x y z
N GLY A 11 -30.14 -20.89 20.21
CA GLY A 11 -29.92 -21.17 18.79
C GLY A 11 -28.45 -21.33 18.42
N ARG A 12 -28.00 -20.54 17.43
CA ARG A 12 -26.64 -20.53 16.86
C ARG A 12 -25.59 -20.00 17.84
N GLY A 13 -24.57 -20.81 18.12
CA GLY A 13 -23.50 -20.44 19.04
C GLY A 13 -22.24 -19.93 18.37
N SER A 14 -22.12 -20.05 17.03
CA SER A 14 -20.93 -19.57 16.34
C SER A 14 -20.81 -18.04 16.31
N MET A 15 -19.57 -17.57 16.19
CA MET A 15 -19.21 -16.16 16.08
C MET A 15 -18.36 -16.02 14.81
N LYS A 16 -18.51 -14.90 14.12
CA LYS A 16 -17.79 -14.58 12.90
C LYS A 16 -16.41 -13.98 13.24
N PHE A 17 -15.36 -14.58 12.67
CA PHE A 17 -13.97 -14.15 12.86
C PHE A 17 -13.33 -13.95 11.52
N LEU A 18 -12.55 -12.87 11.43
N LEU A 18 -12.56 -12.87 11.40
CA LEU A 18 -11.78 -12.55 10.24
CA LEU A 18 -11.85 -12.61 10.17
C LEU A 18 -10.33 -12.87 10.49
C LEU A 18 -10.35 -12.75 10.36
N PHE A 19 -9.75 -13.59 9.53
CA PHE A 19 -8.33 -13.94 9.57
C PHE A 19 -7.67 -13.23 8.41
N TYR A 20 -6.74 -12.31 8.73
CA TYR A 20 -6.00 -11.55 7.72
C TYR A 20 -4.71 -12.29 7.55
N LEU A 21 -4.63 -13.00 6.43
CA LEU A 21 -3.57 -13.95 6.12
C LEU A 21 -2.33 -13.36 5.53
N SER A 22 -1.21 -14.04 5.81
CA SER A 22 0.09 -13.72 5.26
C SER A 22 0.07 -14.03 3.76
N ALA A 23 0.59 -13.10 2.95
CA ALA A 23 0.63 -13.29 1.49
C ALA A 23 1.65 -14.34 1.02
N ASP A 24 2.60 -14.71 1.90
CA ASP A 24 3.66 -15.73 1.67
C ASP A 24 3.14 -16.94 0.90
N ASN A 25 2.06 -17.56 1.42
CA ASN A 25 1.41 -18.72 0.82
C ASN A 25 -0.01 -18.79 1.36
N LEU A 26 -1.00 -18.45 0.52
CA LEU A 26 -2.40 -18.44 0.93
C LEU A 26 -3.00 -19.83 1.12
N GLU A 27 -2.47 -20.86 0.44
CA GLU A 27 -2.91 -22.27 0.59
C GLU A 27 -2.52 -22.78 1.99
N ILE A 28 -1.25 -22.55 2.42
CA ILE A 28 -0.78 -22.92 3.75
C ILE A 28 -1.57 -22.10 4.77
N ALA A 29 -1.74 -20.78 4.50
CA ALA A 29 -2.42 -19.85 5.41
C ALA A 29 -3.86 -20.23 5.73
N ARG A 30 -4.66 -20.56 4.69
CA ARG A 30 -6.06 -20.98 4.81
C ARG A 30 -6.19 -22.33 5.51
N LYS A 31 -5.33 -23.30 5.11
CA LYS A 31 -5.34 -24.64 5.68
C LYS A 31 -5.01 -24.66 7.15
N GLU A 32 -4.07 -23.82 7.57
CA GLU A 32 -3.59 -23.73 8.93
C GLU A 32 -4.73 -23.38 9.85
N VAL A 33 -5.43 -22.29 9.51
CA VAL A 33 -6.60 -21.83 10.25
C VAL A 33 -7.65 -22.93 10.36
N LEU A 34 -8.02 -23.54 9.22
CA LEU A 34 -9.06 -24.56 9.08
C LEU A 34 -8.75 -25.84 9.84
N VAL A 35 -7.49 -26.34 9.78
CA VAL A 35 -7.05 -27.53 10.55
C VAL A 35 -7.17 -27.25 12.05
N LEU A 36 -6.64 -26.11 12.50
CA LEU A 36 -6.69 -25.76 13.93
C LEU A 36 -8.11 -25.50 14.44
N ALA A 37 -8.95 -24.79 13.64
CA ALA A 37 -10.33 -24.55 14.00
C ALA A 37 -11.08 -25.86 14.15
N GLU A 38 -10.85 -26.81 13.24
CA GLU A 38 -11.52 -28.10 13.32
C GLU A 38 -11.04 -28.96 14.51
N ARG A 39 -9.83 -28.69 15.06
CA ARG A 39 -9.31 -29.43 16.21
C ARG A 39 -9.69 -28.76 17.52
N TYR A 40 -9.78 -27.43 17.52
CA TYR A 40 -10.08 -26.64 18.72
C TYR A 40 -11.54 -26.38 18.91
N GLY A 41 -12.30 -26.40 17.82
CA GLY A 41 -13.72 -26.13 17.92
C GLY A 41 -14.54 -26.73 16.82
N TRP A 42 -15.57 -25.97 16.39
CA TRP A 42 -16.56 -26.39 15.40
C TRP A 42 -16.80 -25.27 14.42
N VAL A 43 -16.54 -25.57 13.15
CA VAL A 43 -16.65 -24.62 12.04
C VAL A 43 -18.07 -24.73 11.48
N GLU A 44 -18.86 -23.67 11.64
CA GLU A 44 -20.21 -23.60 11.09
C GLU A 44 -20.08 -23.37 9.54
N ASP A 45 -19.22 -22.44 9.14
CA ASP A 45 -19.02 -22.07 7.75
C ASP A 45 -17.69 -21.30 7.60
N TYR A 46 -17.22 -21.15 6.36
CA TYR A 46 -16.01 -20.40 6.03
C TYR A 46 -16.09 -19.84 4.60
N GLN A 47 -15.37 -18.76 4.37
CA GLN A 47 -15.32 -18.11 3.06
C GLN A 47 -13.96 -17.45 2.90
N PHE A 48 -13.36 -17.61 1.71
CA PHE A 48 -12.10 -16.94 1.44
C PHE A 48 -12.16 -16.06 0.23
N GLU A 49 -11.51 -14.91 0.36
CA GLU A 49 -11.35 -13.89 -0.68
C GLU A 49 -10.00 -13.25 -0.50
N GLU A 50 -9.03 -13.69 -1.33
CA GLU A 50 -7.65 -13.19 -1.36
C GLU A 50 -6.96 -13.40 0.00
N ARG A 51 -6.64 -12.30 0.71
CA ARG A 51 -5.95 -12.36 1.99
C ARG A 51 -6.89 -12.45 3.20
N LEU A 52 -8.21 -12.50 2.92
CA LEU A 52 -9.20 -12.59 3.95
C LEU A 52 -9.79 -13.99 4.02
N LEU A 53 -9.97 -14.49 5.25
CA LEU A 53 -10.63 -15.75 5.53
C LEU A 53 -11.62 -15.47 6.66
N LEU A 54 -12.90 -15.66 6.35
CA LEU A 54 -14.01 -15.44 7.26
C LEU A 54 -14.48 -16.78 7.79
N LEU A 55 -14.55 -16.89 9.12
CA LEU A 55 -14.92 -18.12 9.78
C LEU A 55 -16.06 -17.93 10.77
N ASP A 56 -17.10 -18.76 10.65
CA ASP A 56 -18.21 -18.81 11.59
C ASP A 56 -17.78 -19.98 12.47
N TYR A 57 -17.39 -19.67 13.70
CA TYR A 57 -16.74 -20.65 14.57
C TYR A 57 -17.20 -20.56 16.02
N ALA A 58 -17.13 -21.71 16.71
CA ALA A 58 -17.40 -21.85 18.12
C ALA A 58 -16.32 -22.75 18.69
N GLY A 59 -15.96 -22.48 19.92
CA GLY A 59 -14.99 -23.27 20.66
C GLY A 59 -13.81 -22.48 21.18
N GLU A 60 -12.80 -23.21 21.53
CA GLU A 60 -11.55 -22.67 22.06
C GLU A 60 -10.76 -21.84 21.07
N LYS A 61 -10.24 -20.73 21.54
CA LYS A 61 -9.42 -19.88 20.69
C LYS A 61 -8.02 -20.51 20.56
N PHE A 62 -7.53 -20.66 19.31
CA PHE A 62 -6.24 -21.26 18.95
C PHE A 62 -5.29 -20.22 18.28
N PHE A 63 -5.68 -18.92 18.30
CA PHE A 63 -5.06 -17.85 17.50
C PHE A 63 -3.56 -17.59 17.73
N GLU A 64 -3.10 -17.66 18.98
CA GLU A 64 -1.71 -17.41 19.36
C GLU A 64 -0.71 -18.41 18.74
N ARG A 65 -1.21 -19.56 18.24
CA ARG A 65 -0.41 -20.61 17.59
C ARG A 65 -0.16 -20.29 16.11
N LEU A 66 -0.99 -19.42 15.51
CA LEU A 66 -0.92 -19.12 14.07
C LEU A 66 0.40 -18.54 13.56
N ALA A 67 0.88 -19.09 12.42
CA ALA A 67 2.10 -18.60 11.83
C ALA A 67 1.88 -17.91 10.50
N TYR A 68 0.81 -18.25 9.72
CA TYR A 68 0.56 -17.60 8.42
C TYR A 68 -0.62 -16.63 8.47
N THR A 69 -1.09 -16.28 9.68
CA THR A 69 -2.17 -15.32 9.94
C THR A 69 -1.50 -14.15 10.59
N ASN A 70 -1.76 -12.96 10.07
CA ASN A 70 -1.14 -11.76 10.58
C ASN A 70 -1.97 -11.13 11.69
N GLU A 71 -3.30 -11.18 11.53
CA GLU A 71 -4.24 -10.68 12.52
CA GLU A 71 -4.29 -10.61 12.43
C GLU A 71 -5.57 -11.44 12.49
N VAL A 72 -6.24 -11.47 13.64
CA VAL A 72 -7.54 -12.13 13.84
C VAL A 72 -8.42 -11.07 14.51
N THR A 73 -9.60 -10.89 13.96
CA THR A 73 -10.60 -9.93 14.39
C THR A 73 -11.98 -10.58 14.58
N LYS A 74 -12.62 -10.32 15.75
CA LYS A 74 -13.98 -10.80 16.04
C LYS A 74 -14.92 -9.82 15.31
N ILE A 75 -15.68 -10.29 14.32
CA ILE A 75 -16.56 -9.43 13.53
C ILE A 75 -17.84 -9.03 14.26
N TYR A 76 -18.14 -7.73 14.29
CA TYR A 76 -19.38 -7.19 14.84
C TYR A 76 -20.38 -7.10 13.69
N ASP A 77 -19.94 -6.58 12.52
CA ASP A 77 -20.75 -6.42 11.32
C ASP A 77 -19.90 -6.27 10.04
N ILE A 78 -20.53 -6.47 8.85
CA ILE A 78 -19.98 -6.29 7.48
C ILE A 78 -20.96 -5.29 6.78
N CYS A 79 -20.43 -4.17 6.24
CA CYS A 79 -21.23 -3.11 5.59
C CYS A 79 -20.46 -2.41 4.45
N SER A 80 -21.04 -1.39 3.74
CA SER A 80 -20.32 -0.68 2.66
C SER A 80 -19.47 0.49 3.22
N VAL A 81 -18.42 0.94 2.47
CA VAL A 81 -17.51 2.05 2.82
C VAL A 81 -18.25 3.37 3.16
N SER A 82 -19.48 3.49 2.65
CA SER A 82 -20.38 4.63 2.86
C SER A 82 -21.23 4.46 4.14
N GLU A 83 -21.34 3.21 4.66
CA GLU A 83 -22.16 2.84 5.84
C GLU A 83 -21.39 2.71 7.19
N LEU A 84 -20.13 3.12 7.23
CA LEU A 84 -19.29 2.97 8.43
C LEU A 84 -19.72 3.76 9.67
N GLU A 85 -20.43 4.91 9.50
CA GLU A 85 -20.86 5.76 10.64
C GLU A 85 -22.02 5.16 11.45
N GLN A 86 -22.84 4.30 10.82
CA GLN A 86 -24.00 3.63 11.42
C GLN A 86 -23.53 2.49 12.33
N VAL A 87 -22.60 1.67 11.84
CA VAL A 87 -22.04 0.55 12.60
C VAL A 87 -21.23 1.08 13.80
N PHE A 88 -20.53 2.22 13.63
CA PHE A 88 -19.74 2.79 14.73
C PHE A 88 -20.60 3.49 15.80
N SER A 89 -21.89 3.78 15.48
CA SER A 89 -22.83 4.38 16.42
C SER A 89 -23.50 3.32 17.31
N GLU A 90 -23.44 2.04 16.92
CA GLU A 90 -24.06 0.92 17.65
C GLU A 90 -23.05 -0.05 18.26
N ILE A 91 -21.81 -0.08 17.71
CA ILE A 91 -20.72 -0.95 18.19
C ILE A 91 -20.52 -0.79 19.72
N PRO A 92 -20.49 -1.90 20.51
CA PRO A 92 -20.35 -1.75 21.97
C PRO A 92 -19.10 -0.99 22.43
N VAL A 93 -19.27 -0.09 23.40
CA VAL A 93 -18.19 0.72 23.97
C VAL A 93 -17.77 0.15 25.32
N TYR A 94 -16.45 0.24 25.62
CA TYR A 94 -15.86 -0.28 26.85
C TYR A 94 -15.12 0.84 27.58
N ASP A 95 -15.02 0.73 28.92
CA ASP A 95 -14.34 1.76 29.73
C ASP A 95 -12.81 1.70 29.62
N ARG A 96 -12.28 0.84 28.73
CA ARG A 96 -10.85 0.65 28.45
C ARG A 96 -10.41 1.47 27.23
N LEU A 97 -9.12 1.90 27.20
CA LEU A 97 -8.49 2.68 26.14
C LEU A 97 -8.58 1.98 24.78
N CYS A 98 -9.03 2.72 23.76
CA CYS A 98 -9.20 2.18 22.43
C CYS A 98 -8.65 3.09 21.34
N CYS A 99 -8.56 2.57 20.09
CA CYS A 99 -8.22 3.30 18.88
C CYS A 99 -8.83 2.53 17.70
N VAL A 100 -8.88 3.16 16.54
CA VAL A 100 -9.44 2.59 15.31
C VAL A 100 -8.30 2.44 14.31
N ARG A 101 -8.24 1.29 13.68
CA ARG A 101 -7.21 0.95 12.70
C ARG A 101 -7.88 0.41 11.46
N VAL A 102 -7.61 1.05 10.32
CA VAL A 102 -8.15 0.69 9.01
C VAL A 102 -7.06 -0.01 8.19
N LYS A 103 -7.45 -1.01 7.39
CA LYS A 103 -6.54 -1.77 6.52
C LYS A 103 -7.14 -1.82 5.11
N GLY A 104 -6.31 -1.51 4.12
CA GLY A 104 -6.72 -1.49 2.72
C GLY A 104 -7.34 -0.18 2.27
N GLY A 105 -7.21 0.11 0.97
CA GLY A 105 -7.73 1.33 0.37
C GLY A 105 -6.92 2.57 0.73
N LYS A 106 -7.46 3.75 0.41
CA LYS A 106 -6.81 5.04 0.68
C LYS A 106 -7.66 5.95 1.57
N GLY A 107 -6.97 6.68 2.43
CA GLY A 107 -7.59 7.58 3.39
C GLY A 107 -7.65 6.98 4.77
N LYS A 108 -6.92 5.85 4.98
CA LYS A 108 -6.81 5.07 6.22
C LYS A 108 -6.67 5.97 7.44
N THR A 109 -5.59 6.79 7.46
CA THR A 109 -5.20 7.74 8.51
C THR A 109 -6.29 8.74 8.87
N ALA A 110 -7.00 9.29 7.86
CA ALA A 110 -8.08 10.26 8.06
C ALA A 110 -9.35 9.60 8.61
N LEU A 111 -9.76 8.44 8.03
CA LEU A 111 -10.93 7.67 8.47
C LEU A 111 -10.75 7.10 9.91
N GLU A 112 -9.51 6.71 10.29
CA GLU A 112 -9.20 6.23 11.65
C GLU A 112 -9.52 7.35 12.65
N ARG A 113 -9.01 8.58 12.35
CA ARG A 113 -9.23 9.80 13.12
C ARG A 113 -10.71 10.18 13.16
N LYS A 114 -11.42 9.92 12.05
CA LYS A 114 -12.85 10.19 11.90
C LYS A 114 -13.71 9.25 12.75
N LEU A 115 -13.49 7.91 12.64
CA LEU A 115 -14.25 6.89 13.39
CA LEU A 115 -14.25 6.89 13.39
C LEU A 115 -13.91 6.93 14.88
N GLY A 116 -12.68 7.35 15.19
CA GLY A 116 -12.18 7.49 16.55
C GLY A 116 -12.91 8.59 17.28
N ALA A 117 -13.17 9.71 16.54
CA ALA A 117 -13.90 10.90 17.02
C ALA A 117 -15.36 10.53 17.34
N LEU A 118 -16.01 9.76 16.44
CA LEU A 118 -17.37 9.26 16.59
C LEU A 118 -17.49 8.48 17.91
N LEU A 119 -16.50 7.57 18.20
CA LEU A 119 -16.42 6.75 19.41
C LEU A 119 -16.22 7.58 20.67
N TRP A 120 -15.39 8.65 20.57
CA TRP A 120 -15.08 9.61 21.64
C TRP A 120 -16.36 10.38 22.08
N LYS A 121 -17.29 10.62 21.13
CA LYS A 121 -18.57 11.31 21.37
C LYS A 121 -19.51 10.46 22.26
N ARG A 122 -19.40 9.10 22.19
CA ARG A 122 -20.19 8.15 22.98
C ARG A 122 -19.56 7.84 24.37
N GLY A 123 -18.52 8.59 24.75
CA GLY A 123 -17.84 8.42 26.02
C GLY A 123 -16.77 7.35 26.05
N ALA A 124 -16.19 7.01 24.88
CA ALA A 124 -15.10 6.03 24.81
C ALA A 124 -13.76 6.73 25.01
N LYS A 125 -12.83 6.04 25.70
CA LYS A 125 -11.47 6.54 25.98
C LYS A 125 -10.64 6.19 24.77
N VAL A 126 -10.20 7.20 23.99
CA VAL A 126 -9.47 6.91 22.76
C VAL A 126 -8.09 7.60 22.71
N SER A 127 -7.05 6.76 22.48
CA SER A 127 -5.65 7.13 22.28
C SER A 127 -4.95 6.07 21.43
N VAL A 128 -4.19 6.52 20.42
CA VAL A 128 -3.45 5.69 19.45
C VAL A 128 -2.21 4.97 20.03
N SER A 129 -1.53 5.58 21.01
CA SER A 129 -0.26 5.10 21.56
C SER A 129 -0.33 3.75 22.29
N ASN A 130 -1.09 3.65 23.39
CA ASN A 130 -1.18 2.39 24.12
C ASN A 130 -2.63 1.95 24.29
N PRO A 131 -3.34 1.57 23.19
CA PRO A 131 -4.73 1.13 23.34
C PRO A 131 -4.79 -0.24 24.03
N GLU A 132 -5.85 -0.49 24.79
CA GLU A 132 -6.10 -1.77 25.44
C GLU A 132 -6.96 -2.59 24.47
N ILE A 133 -7.78 -1.89 23.69
CA ILE A 133 -8.74 -2.42 22.69
C ILE A 133 -8.53 -1.74 21.33
N VAL A 134 -8.59 -2.52 20.23
CA VAL A 134 -8.40 -1.97 18.87
C VAL A 134 -9.58 -2.38 17.99
N TYR A 135 -10.30 -1.38 17.45
CA TYR A 135 -11.38 -1.55 16.49
C TYR A 135 -10.68 -1.68 15.15
N LYS A 136 -11.01 -2.70 14.41
CA LYS A 136 -10.41 -2.93 13.11
C LYS A 136 -11.41 -2.77 12.00
N VAL A 137 -10.96 -2.16 10.89
CA VAL A 137 -11.78 -2.01 9.68
C VAL A 137 -10.97 -2.56 8.53
N TYR A 138 -11.49 -3.63 7.92
CA TYR A 138 -10.90 -4.26 6.75
C TYR A 138 -11.78 -3.84 5.58
N ILE A 139 -11.20 -3.13 4.62
CA ILE A 139 -11.93 -2.62 3.46
C ILE A 139 -11.51 -3.38 2.23
N GLN A 140 -12.48 -4.11 1.63
CA GLN A 140 -12.23 -4.94 0.46
C GLN A 140 -13.47 -5.02 -0.42
N ASP A 141 -13.29 -4.74 -1.73
CA ASP A 141 -14.35 -4.77 -2.77
C ASP A 141 -15.63 -4.04 -2.31
N ASP A 142 -15.43 -2.82 -1.74
CA ASP A 142 -16.46 -1.91 -1.19
C ASP A 142 -17.26 -2.57 -0.03
N LYS A 143 -16.61 -3.52 0.67
CA LYS A 143 -17.18 -4.21 1.84
C LYS A 143 -16.23 -3.97 3.01
N CYS A 144 -16.81 -3.60 4.16
CA CYS A 144 -16.08 -3.27 5.39
C CYS A 144 -16.36 -4.26 6.48
N TYR A 145 -15.32 -4.96 6.89
CA TYR A 145 -15.36 -5.96 7.94
C TYR A 145 -14.98 -5.24 9.22
N VAL A 146 -15.95 -5.06 10.11
CA VAL A 146 -15.77 -4.30 11.35
C VAL A 146 -15.80 -5.20 12.55
N GLY A 147 -14.84 -5.03 13.43
CA GLY A 147 -14.77 -5.82 14.64
C GLY A 147 -13.72 -5.37 15.61
N LEU A 148 -13.39 -6.26 16.57
CA LEU A 148 -12.41 -6.00 17.59
C LEU A 148 -11.25 -6.94 17.39
N LEU A 149 -10.04 -6.40 17.41
CA LEU A 149 -8.84 -7.19 17.24
C LEU A 149 -8.71 -8.20 18.39
N GLU A 150 -8.46 -9.44 18.05
CA GLU A 150 -8.32 -10.57 19.00
C GLU A 150 -6.87 -10.95 19.13
N PHE A 151 -6.16 -10.98 17.98
CA PHE A 151 -4.77 -11.37 17.90
C PHE A 151 -4.07 -10.66 16.77
N GLU A 152 -2.83 -10.26 17.03
CA GLU A 152 -1.92 -9.70 16.03
C GLU A 152 -0.64 -10.51 16.20
N ARG A 153 -0.20 -11.19 15.14
CA ARG A 153 1.00 -12.02 15.15
C ARG A 153 2.29 -11.21 15.39
N ASP A 154 3.08 -11.62 16.38
CA ASP A 154 4.35 -10.92 16.59
C ASP A 154 5.33 -11.56 15.61
N THR A 155 5.59 -10.89 14.49
CA THR A 155 6.46 -11.40 13.40
C THR A 155 7.95 -11.51 13.83
N ARG A 156 8.39 -10.67 14.79
CA ARG A 156 9.74 -10.64 15.33
C ARG A 156 10.16 -11.94 16.00
N GLN A 157 9.17 -12.70 16.54
CA GLN A 157 9.26 -14.01 17.21
C GLN A 157 10.03 -15.02 16.32
N PHE A 158 9.60 -15.09 15.05
CA PHE A 158 10.17 -15.96 14.01
C PHE A 158 11.57 -15.55 13.61
N PHE A 159 11.83 -14.23 13.50
CA PHE A 159 13.15 -13.67 13.24
C PHE A 159 14.13 -14.09 14.37
N LEU A 160 13.76 -13.84 15.63
CA LEU A 160 14.57 -14.16 16.80
C LEU A 160 14.86 -15.66 16.96
N ARG A 161 14.10 -16.53 16.28
CA ARG A 161 14.32 -17.98 16.34
C ARG A 161 14.95 -18.53 15.06
N ARG A 162 15.39 -17.66 14.12
CA ARG A 162 16.02 -18.10 12.86
C ARG A 162 17.13 -19.12 13.15
N PRO A 163 17.29 -20.17 12.29
CA PRO A 163 18.27 -21.24 12.60
C PRO A 163 19.69 -20.80 12.96
N ASP A 164 20.16 -19.67 12.40
CA ASP A 164 21.50 -19.09 12.64
C ASP A 164 21.68 -18.47 14.04
N ARG A 165 20.58 -18.39 14.84
CA ARG A 165 20.62 -17.86 16.21
C ARG A 165 20.70 -18.98 17.28
N ARG A 166 20.62 -20.24 16.84
CA ARG A 166 20.65 -21.43 17.72
C ARG A 166 22.10 -21.91 17.94
N PRO A 167 22.40 -22.58 19.08
CA PRO A 167 23.78 -23.10 19.28
C PRO A 167 24.26 -24.05 18.18
N PHE A 168 23.39 -24.95 17.69
CA PHE A 168 23.74 -25.96 16.69
C PHE A 168 23.18 -25.56 15.36
N LEU A 169 24.05 -25.42 14.37
CA LEU A 169 23.72 -24.94 13.04
C LEU A 169 24.07 -25.92 11.93
N MET A 170 23.16 -26.03 10.95
CA MET A 170 23.26 -26.88 9.77
CA MET A 170 23.32 -26.87 9.76
C MET A 170 22.81 -26.06 8.56
N PRO A 171 23.31 -26.31 7.32
CA PRO A 171 22.79 -25.53 6.18
C PRO A 171 21.34 -25.94 5.85
N SER A 172 20.61 -25.01 5.21
CA SER A 172 19.24 -25.16 4.70
C SER A 172 18.18 -25.65 5.73
N ALA A 173 18.23 -25.16 6.99
CA ALA A 173 17.25 -25.56 7.99
C ALA A 173 15.92 -24.83 7.75
N ILE A 174 14.76 -25.52 7.94
CA ILE A 174 13.44 -24.90 7.78
C ILE A 174 13.29 -23.76 8.78
N LYS A 175 12.86 -22.62 8.25
CA LYS A 175 12.65 -21.39 8.98
C LYS A 175 11.46 -21.52 9.93
N PRO A 176 11.50 -20.88 11.13
CA PRO A 176 10.42 -21.03 12.12
C PRO A 176 8.99 -20.77 11.68
N LYS A 177 8.73 -19.77 10.80
CA LYS A 177 7.36 -19.49 10.39
C LYS A 177 6.78 -20.70 9.65
N LEU A 178 7.54 -21.24 8.67
CA LEU A 178 7.12 -22.42 7.90
C LEU A 178 7.09 -23.66 8.82
N ALA A 179 8.08 -23.79 9.73
CA ALA A 179 8.15 -24.91 10.68
C ALA A 179 6.90 -24.97 11.58
N ARG A 180 6.49 -23.81 12.15
CA ARG A 180 5.29 -23.70 12.99
C ARG A 180 4.01 -24.01 12.20
N ALA A 181 3.89 -23.46 10.98
CA ALA A 181 2.69 -23.69 10.14
C ALA A 181 2.52 -25.17 9.82
N LEU A 182 3.63 -25.90 9.57
CA LEU A 182 3.58 -27.33 9.27
C LEU A 182 3.20 -28.18 10.48
N VAL A 183 3.71 -27.81 11.65
CA VAL A 183 3.31 -28.48 12.89
C VAL A 183 1.78 -28.21 13.07
N ASN A 184 1.34 -26.95 12.86
CA ASN A 184 -0.06 -26.58 12.98
C ASN A 184 -0.97 -27.35 12.04
N LEU A 185 -0.51 -27.60 10.79
CA LEU A 185 -1.25 -28.35 9.77
C LEU A 185 -1.50 -29.78 10.20
N THR A 186 -0.67 -30.35 11.08
CA THR A 186 -0.96 -31.70 11.56
C THR A 186 -2.16 -31.68 12.54
N GLY A 187 -2.47 -30.50 13.10
CA GLY A 187 -3.55 -30.29 14.07
C GLY A 187 -3.26 -30.90 15.43
N VAL A 188 -1.99 -31.22 15.71
CA VAL A 188 -1.58 -31.79 17.00
CA VAL A 188 -1.57 -31.79 16.97
C VAL A 188 -1.87 -30.78 18.12
N LEU A 189 -2.27 -31.27 19.29
CA LEU A 189 -2.60 -30.41 20.44
C LEU A 189 -1.56 -30.43 21.52
N GLU A 190 -1.70 -29.51 22.51
CA GLU A 190 -0.85 -29.47 23.69
C GLU A 190 -0.90 -30.86 24.37
N GLY A 191 0.27 -31.40 24.71
CA GLY A 191 0.36 -32.69 25.38
C GLY A 191 0.40 -33.87 24.44
N GLU A 192 0.05 -33.67 23.17
CA GLU A 192 0.14 -34.74 22.16
C GLU A 192 1.57 -34.83 21.60
N THR A 193 1.84 -35.82 20.74
CA THR A 193 3.18 -35.99 20.21
C THR A 193 3.32 -35.63 18.72
N LEU A 194 4.32 -34.78 18.46
CA LEU A 194 4.73 -34.50 17.09
C LEU A 194 6.07 -35.17 16.79
N LEU A 195 6.10 -36.00 15.78
CA LEU A 195 7.33 -36.65 15.35
C LEU A 195 7.95 -36.02 14.09
N ASP A 196 9.26 -35.71 14.17
CA ASP A 196 10.06 -35.31 13.01
C ASP A 196 11.09 -36.44 12.87
N PRO A 197 10.85 -37.36 11.90
CA PRO A 197 11.77 -38.51 11.71
C PRO A 197 13.14 -38.22 11.03
N MET A 198 13.40 -36.98 10.59
CA MET A 198 14.68 -36.50 9.98
C MET A 198 14.89 -35.09 10.57
N CYS A 199 14.94 -35.02 11.91
CA CYS A 199 14.82 -33.76 12.65
C CYS A 199 15.96 -32.73 12.49
N GLY A 200 17.17 -33.14 12.14
CA GLY A 200 18.27 -32.20 11.88
C GLY A 200 18.56 -31.33 13.08
N THR A 201 18.57 -29.99 12.88
CA THR A 201 18.77 -28.92 13.91
C THR A 201 17.56 -28.78 14.85
N GLY A 202 16.43 -29.33 14.43
CA GLY A 202 15.22 -29.34 15.24
C GLY A 202 14.23 -28.22 15.02
N SER A 203 14.19 -27.61 13.82
CA SER A 203 13.24 -26.54 13.52
C SER A 203 11.80 -26.89 13.90
N PHE A 204 11.31 -28.07 13.51
CA PHE A 204 9.91 -28.50 13.76
C PHE A 204 9.67 -28.84 15.24
N LEU A 205 10.62 -29.55 15.85
CA LEU A 205 10.55 -29.93 17.27
C LEU A 205 10.51 -28.71 18.18
N ILE A 206 11.23 -27.64 17.79
CA ILE A 206 11.31 -26.39 18.55
C ILE A 206 9.93 -25.71 18.48
N GLU A 207 9.41 -25.54 17.27
CA GLU A 207 8.10 -24.90 17.15
C GLU A 207 7.01 -25.70 17.90
N ALA A 208 7.00 -27.05 17.82
CA ALA A 208 6.06 -27.93 18.54
C ALA A 208 6.20 -27.75 20.06
N GLY A 209 7.43 -27.81 20.54
CA GLY A 209 7.79 -27.67 21.95
C GLY A 209 7.29 -26.37 22.53
N LEU A 210 7.54 -25.26 21.82
CA LEU A 210 7.13 -23.91 22.25
C LEU A 210 5.60 -23.72 22.36
N MET A 211 4.85 -24.48 21.58
CA MET A 211 3.39 -24.53 21.57
C MET A 211 2.82 -25.61 22.55
N GLY A 212 3.69 -26.24 23.34
CA GLY A 212 3.29 -27.22 24.36
C GLY A 212 2.99 -28.62 23.90
N ILE A 213 3.37 -28.94 22.65
CA ILE A 213 3.27 -30.26 22.05
C ILE A 213 4.56 -30.99 22.49
N ASN A 214 4.45 -32.30 22.81
CA ASN A 214 5.61 -33.11 23.21
C ASN A 214 6.36 -33.52 21.95
N PRO A 215 7.58 -33.00 21.70
CA PRO A 215 8.25 -33.36 20.44
C PRO A 215 9.17 -34.57 20.53
N ILE A 216 9.22 -35.34 19.45
CA ILE A 216 10.14 -36.49 19.31
C ILE A 216 10.83 -36.42 17.95
N GLY A 217 12.14 -36.32 17.97
CA GLY A 217 12.95 -36.31 16.75
C GLY A 217 13.76 -37.58 16.59
N ILE A 218 13.98 -37.96 15.31
CA ILE A 218 14.79 -39.09 14.92
C ILE A 218 15.77 -38.54 13.87
N ASP A 219 17.06 -38.90 13.98
CA ASP A 219 18.08 -38.52 13.03
C ASP A 219 19.10 -39.66 12.93
N PHE A 220 19.58 -40.00 11.71
CA PHE A 220 20.55 -41.09 11.58
C PHE A 220 22.02 -40.66 11.72
N ILE A 221 22.31 -39.38 12.05
CA ILE A 221 23.69 -38.91 12.34
C ILE A 221 23.78 -38.61 13.83
N GLU A 222 24.63 -39.35 14.57
CA GLU A 222 24.82 -39.17 16.02
C GLU A 222 25.16 -37.73 16.42
N LYS A 223 26.10 -37.09 15.67
CA LYS A 223 26.56 -35.71 15.88
C LYS A 223 25.34 -34.77 15.75
N ILE A 224 24.48 -35.06 14.82
CA ILE A 224 23.28 -34.21 14.61
C ILE A 224 22.24 -34.43 15.73
N VAL A 225 22.05 -35.70 16.18
CA VAL A 225 21.21 -36.09 17.31
C VAL A 225 21.68 -35.27 18.54
N ARG A 226 22.99 -35.24 18.77
CA ARG A 226 23.58 -34.47 19.88
C ARG A 226 23.29 -32.98 19.77
N GLY A 227 23.54 -32.43 18.60
CA GLY A 227 23.32 -31.03 18.32
C GLY A 227 21.86 -30.63 18.44
N CYS A 228 20.93 -31.47 17.95
CA CYS A 228 19.49 -31.19 18.07
C CYS A 228 19.08 -31.13 19.54
N ARG A 229 19.61 -32.05 20.36
CA ARG A 229 19.35 -32.11 21.79
C ARG A 229 19.76 -30.82 22.47
N VAL A 230 20.90 -30.24 22.04
CA VAL A 230 21.48 -28.97 22.55
C VAL A 230 20.51 -27.79 22.25
N ASN A 231 19.98 -27.74 21.04
CA ASN A 231 19.01 -26.73 20.61
C ASN A 231 17.69 -26.80 21.41
N LEU A 232 17.16 -28.03 21.65
CA LEU A 232 15.94 -28.20 22.45
C LEU A 232 16.21 -27.73 23.88
N GLU A 233 17.41 -28.07 24.43
CA GLU A 233 17.82 -27.63 25.77
C GLU A 233 17.92 -26.11 25.83
N TYR A 234 18.43 -25.50 24.76
CA TYR A 234 18.58 -24.06 24.65
C TYR A 234 17.24 -23.32 24.75
N TYR A 235 16.17 -23.89 24.21
CA TYR A 235 14.84 -23.28 24.27
C TYR A 235 13.98 -23.76 25.47
N GLY A 236 14.58 -24.58 26.35
CA GLY A 236 13.93 -25.14 27.54
C GLY A 236 12.85 -26.16 27.21
N ILE A 237 12.97 -26.80 26.03
CA ILE A 237 12.05 -27.83 25.56
C ILE A 237 12.46 -29.21 26.09
N GLU A 238 11.46 -29.92 26.60
CA GLU A 238 11.56 -31.28 27.10
C GLU A 238 11.01 -32.19 26.01
N GLY A 239 11.87 -33.02 25.47
CA GLY A 239 11.50 -33.90 24.38
C GLY A 239 12.51 -35.01 24.22
N SER A 240 12.33 -35.86 23.21
CA SER A 240 13.27 -36.97 23.02
C SER A 240 13.82 -36.92 21.60
N VAL A 241 15.14 -36.88 21.45
CA VAL A 241 15.83 -36.95 20.16
C VAL A 241 16.60 -38.27 20.16
N LEU A 242 16.25 -39.15 19.23
CA LEU A 242 16.84 -40.49 19.17
C LEU A 242 17.64 -40.66 17.89
N LEU A 243 18.67 -41.53 17.96
CA LEU A 243 19.44 -41.95 16.82
C LEU A 243 18.58 -43.06 16.19
N GLY A 244 18.38 -42.97 14.89
CA GLY A 244 17.57 -43.96 14.19
C GLY A 244 17.39 -43.60 12.74
N ASP A 245 16.71 -44.45 11.99
CA ASP A 245 16.43 -44.27 10.59
C ASP A 245 14.93 -44.13 10.36
N ALA A 246 14.52 -43.06 9.65
CA ALA A 246 13.15 -42.75 9.32
C ALA A 246 12.46 -43.90 8.57
N LYS A 247 13.28 -44.78 7.96
CA LYS A 247 12.82 -45.95 7.19
C LYS A 247 12.54 -47.14 8.12
N ASN A 248 12.95 -47.01 9.37
CA ASN A 248 12.80 -48.07 10.37
C ASN A 248 12.65 -47.41 11.77
N LEU A 249 11.48 -46.75 12.00
CA LEU A 249 11.16 -46.00 13.21
C LEU A 249 11.10 -46.86 14.50
N PRO A 250 11.84 -46.43 15.56
CA PRO A 250 11.85 -47.19 16.83
C PRO A 250 10.63 -46.87 17.70
N LEU A 251 9.45 -46.89 17.06
CA LEU A 251 8.19 -46.51 17.61
C LEU A 251 7.12 -47.55 17.33
N ARG A 252 6.12 -47.65 18.23
CA ARG A 252 4.96 -48.55 18.09
C ARG A 252 4.00 -48.09 17.00
N ASP A 253 3.10 -49.00 16.59
CA ASP A 253 2.04 -48.66 15.63
C ASP A 253 1.09 -47.69 16.29
N GLU A 254 0.63 -46.66 15.56
CA GLU A 254 -0.35 -45.67 16.03
C GLU A 254 0.05 -45.05 17.40
N SER A 255 1.31 -44.59 17.49
CA SER A 255 1.92 -43.98 18.70
C SER A 255 2.02 -42.45 18.63
N VAL A 256 1.89 -41.86 17.45
CA VAL A 256 2.02 -40.41 17.32
C VAL A 256 0.79 -39.79 16.63
N ARG A 257 0.43 -38.60 17.10
CA ARG A 257 -0.66 -37.82 16.55
C ARG A 257 -0.29 -37.13 15.21
N GLY A 258 0.94 -36.60 15.13
CA GLY A 258 1.43 -35.89 13.95
C GLY A 258 2.89 -36.09 13.59
N ILE A 259 3.19 -35.87 12.30
CA ILE A 259 4.52 -35.91 11.69
C ILE A 259 4.73 -34.61 10.88
N ALA A 260 5.85 -33.91 11.10
CA ALA A 260 6.25 -32.73 10.31
C ALA A 260 7.74 -32.93 10.06
N THR A 261 8.12 -32.93 8.76
CA THR A 261 9.50 -33.20 8.36
C THR A 261 9.87 -32.53 7.05
N ASP A 262 11.16 -32.25 6.90
CA ASP A 262 11.75 -31.74 5.68
C ASP A 262 12.58 -32.89 5.16
N TYR A 263 12.23 -33.38 4.00
CA TYR A 263 12.98 -34.44 3.39
C TYR A 263 14.33 -33.95 2.86
N PRO A 264 15.32 -34.86 2.72
CA PRO A 264 16.52 -34.51 1.95
C PRO A 264 16.14 -34.03 0.53
N TYR A 265 16.85 -33.02 0.01
CA TYR A 265 16.57 -32.55 -1.35
C TYR A 265 17.56 -33.09 -2.33
N LEU A 266 17.10 -33.47 -3.53
CA LEU A 266 18.00 -33.86 -4.61
C LEU A 266 18.80 -32.58 -5.00
N ARG A 267 20.15 -32.66 -4.90
CA ARG A 267 21.06 -31.55 -5.21
C ARG A 267 21.34 -31.45 -6.69
N SER A 268 21.08 -32.53 -7.44
CA SER A 268 21.33 -32.61 -8.87
CA SER A 268 21.31 -32.58 -8.88
C SER A 268 20.40 -33.60 -9.55
N THR A 269 20.08 -33.38 -10.85
CA THR A 269 19.24 -34.27 -11.65
C THR A 269 19.95 -35.61 -11.91
N LYS A 270 21.29 -35.65 -11.70
CA LYS A 270 22.11 -36.87 -11.78
C LYS A 270 21.80 -37.84 -10.63
N ALA A 271 21.12 -37.35 -9.56
CA ALA A 271 20.75 -38.16 -8.39
C ALA A 271 19.26 -38.60 -8.41
N ALA A 272 18.59 -38.54 -9.58
CA ALA A 272 17.20 -38.98 -9.76
C ALA A 272 17.09 -40.48 -9.42
N GLY A 273 16.09 -40.84 -8.61
CA GLY A 273 15.86 -42.22 -8.21
C GLY A 273 16.59 -42.69 -6.97
N THR A 274 17.59 -41.91 -6.48
CA THR A 274 18.39 -42.30 -5.30
C THR A 274 17.60 -42.31 -4.03
N LEU A 275 16.53 -41.51 -3.97
CA LEU A 275 15.67 -41.36 -2.79
C LEU A 275 14.39 -42.21 -2.85
N ASP A 276 14.25 -43.10 -3.85
CA ASP A 276 13.04 -43.91 -4.01
C ASP A 276 12.68 -44.81 -2.81
N GLU A 277 13.64 -45.54 -2.28
CA GLU A 277 13.42 -46.41 -1.14
C GLU A 277 13.11 -45.57 0.11
N LEU A 278 13.75 -44.37 0.25
CA LEU A 278 13.48 -43.46 1.38
C LEU A 278 12.01 -43.02 1.37
N TYR A 279 11.51 -42.60 0.22
CA TYR A 279 10.11 -42.18 0.11
C TYR A 279 9.13 -43.34 0.35
N SER A 280 9.36 -44.51 -0.31
CA SER A 280 8.52 -45.71 -0.16
C SER A 280 8.51 -46.25 1.28
N LYS A 281 9.69 -46.35 1.92
CA LYS A 281 9.76 -46.89 3.27
C LYS A 281 9.21 -45.93 4.30
N THR A 282 9.55 -44.63 4.22
CA THR A 282 8.99 -43.63 5.15
C THR A 282 7.49 -43.55 4.94
N SER A 283 6.99 -43.69 3.70
CA SER A 283 5.54 -43.67 3.47
C SER A 283 4.83 -44.74 4.32
N GLU A 284 5.38 -45.98 4.29
CA GLU A 284 4.95 -47.16 5.01
C GLU A 284 5.09 -46.93 6.53
N GLU A 285 6.26 -46.42 6.97
CA GLU A 285 6.54 -46.15 8.38
C GLU A 285 5.64 -45.07 8.98
N PHE A 286 5.37 -43.99 8.22
CA PHE A 286 4.48 -42.91 8.64
C PHE A 286 3.07 -43.38 8.82
N GLU A 287 2.54 -44.13 7.85
CA GLU A 287 1.21 -44.68 7.97
C GLU A 287 1.13 -45.59 9.21
N ARG A 288 2.17 -46.38 9.48
CA ARG A 288 2.17 -47.31 10.62
C ARG A 288 2.09 -46.61 11.99
N VAL A 289 2.99 -45.62 12.23
CA VAL A 289 3.13 -44.93 13.53
C VAL A 289 2.05 -43.85 13.77
N LEU A 290 1.53 -43.25 12.70
CA LEU A 290 0.48 -42.23 12.88
C LEU A 290 -0.80 -42.85 13.40
N LYS A 291 -1.45 -42.17 14.36
CA LYS A 291 -2.75 -42.60 14.88
C LYS A 291 -3.78 -42.50 13.75
N LYS A 292 -4.91 -43.22 13.86
CA LYS A 292 -5.97 -43.18 12.84
C LYS A 292 -6.42 -41.72 12.63
N GLY A 293 -6.52 -41.32 11.36
CA GLY A 293 -6.86 -39.95 10.97
C GLY A 293 -5.72 -38.96 11.21
N GLY A 294 -4.52 -39.48 11.58
CA GLY A 294 -3.32 -38.71 11.81
C GLY A 294 -2.79 -37.99 10.56
N ARG A 295 -2.06 -36.88 10.77
CA ARG A 295 -1.51 -36.15 9.63
C ARG A 295 0.00 -36.03 9.60
N ALA A 296 0.56 -36.02 8.37
CA ALA A 296 1.98 -35.76 8.08
C ALA A 296 2.10 -34.54 7.14
N ALA A 297 2.77 -33.47 7.63
CA ALA A 297 3.07 -32.25 6.87
C ALA A 297 4.51 -32.42 6.40
N ILE A 298 4.69 -32.75 5.10
CA ILE A 298 6.04 -33.03 4.57
C ILE A 298 6.49 -31.99 3.52
N VAL A 299 7.82 -31.72 3.48
CA VAL A 299 8.47 -30.78 2.57
C VAL A 299 9.50 -31.54 1.73
N THR A 300 9.37 -31.40 0.42
CA THR A 300 10.25 -32.05 -0.57
C THR A 300 10.71 -31.03 -1.62
N ASN A 301 11.61 -31.44 -2.53
CA ASN A 301 12.02 -30.60 -3.65
C ASN A 301 11.67 -31.28 -4.95
N ILE A 302 10.91 -32.38 -4.87
CA ILE A 302 10.44 -33.19 -6.00
C ILE A 302 8.97 -33.64 -5.80
N ASP A 303 8.28 -34.02 -6.89
CA ASP A 303 6.91 -34.50 -6.85
C ASP A 303 6.95 -35.94 -6.35
N VAL A 304 6.28 -36.22 -5.22
CA VAL A 304 6.29 -37.54 -4.57
C VAL A 304 4.88 -38.12 -4.27
N GLU A 305 3.80 -37.50 -4.83
CA GLU A 305 2.40 -37.93 -4.69
C GLU A 305 2.27 -39.47 -4.72
N SER A 306 2.87 -40.09 -5.73
CA SER A 306 2.84 -41.53 -5.99
C SER A 306 3.37 -42.38 -4.85
N PHE A 307 4.34 -41.86 -4.08
CA PHE A 307 4.89 -42.61 -2.96
C PHE A 307 3.95 -42.60 -1.78
N PHE A 308 2.98 -41.66 -1.79
CA PHE A 308 2.06 -41.49 -0.67
C PHE A 308 0.60 -41.75 -1.05
N SER A 309 0.40 -42.64 -2.05
CA SER A 309 -0.91 -43.05 -2.56
C SER A 309 -1.74 -43.78 -1.47
N ASN A 310 -1.05 -44.28 -0.43
CA ASN A 310 -1.60 -44.92 0.77
C ASN A 310 -2.24 -43.88 1.71
N PHE A 311 -2.02 -42.57 1.47
CA PHE A 311 -2.59 -41.47 2.27
C PHE A 311 -3.56 -40.67 1.46
N GLU A 312 -4.34 -39.83 2.17
CA GLU A 312 -5.18 -38.83 1.54
C GLU A 312 -4.26 -37.61 1.37
N ILE A 313 -4.18 -37.06 0.15
CA ILE A 313 -3.42 -35.84 -0.06
C ILE A 313 -4.43 -34.71 0.15
N GLU A 314 -4.44 -34.13 1.37
CA GLU A 314 -5.34 -33.05 1.76
C GLU A 314 -4.98 -31.74 1.10
N MET A 315 -3.68 -31.45 0.99
CA MET A 315 -3.18 -30.21 0.41
C MET A 315 -1.83 -30.50 -0.22
N LYS A 316 -1.56 -29.81 -1.30
CA LYS A 316 -0.30 -29.78 -2.00
C LYS A 316 -0.12 -28.35 -2.45
N THR A 317 0.99 -27.75 -2.07
CA THR A 317 1.35 -26.41 -2.50
C THR A 317 2.86 -26.36 -2.84
N GLU A 318 3.28 -25.26 -3.45
CA GLU A 318 4.68 -25.03 -3.78
C GLU A 318 5.15 -23.70 -3.22
N GLU A 319 6.45 -23.60 -2.99
CA GLU A 319 7.12 -22.38 -2.58
C GLU A 319 8.40 -22.35 -3.38
N ARG A 320 8.40 -21.52 -4.42
CA ARG A 320 9.54 -21.31 -5.31
C ARG A 320 10.49 -20.41 -4.53
N VAL A 321 11.61 -20.97 -4.08
CA VAL A 321 12.58 -20.19 -3.31
C VAL A 321 13.50 -19.47 -4.33
N HIS A 322 14.07 -20.22 -5.29
CA HIS A 322 14.92 -19.71 -6.39
C HIS A 322 14.76 -20.62 -7.62
N GLY A 323 15.33 -20.20 -8.76
CA GLY A 323 15.23 -20.88 -10.04
C GLY A 323 15.71 -22.32 -10.15
N SER A 324 16.24 -22.87 -9.05
CA SER A 324 16.78 -24.22 -8.94
C SER A 324 15.99 -25.04 -7.91
N LEU A 325 15.38 -24.37 -6.92
CA LEU A 325 14.65 -25.01 -5.85
C LEU A 325 13.18 -24.57 -5.72
N THR A 326 12.29 -25.56 -5.93
CA THR A 326 10.88 -25.41 -5.65
C THR A 326 10.51 -26.46 -4.62
N ARG A 327 10.15 -25.99 -3.43
CA ARG A 327 9.68 -26.85 -2.35
C ARG A 327 8.25 -27.29 -2.65
N ARG A 328 7.99 -28.56 -2.53
CA ARG A 328 6.62 -29.09 -2.60
C ARG A 328 6.24 -29.33 -1.14
N ILE A 329 5.12 -28.78 -0.73
CA ILE A 329 4.60 -28.93 0.62
C ILE A 329 3.31 -29.75 0.56
N TYR A 330 3.28 -30.89 1.31
CA TYR A 330 2.11 -31.77 1.32
C TYR A 330 1.53 -31.94 2.71
N LEU A 331 0.19 -31.98 2.81
CA LEU A 331 -0.47 -32.35 4.05
C LEU A 331 -1.15 -33.69 3.75
N LEU A 332 -0.65 -34.73 4.39
CA LEU A 332 -1.11 -36.10 4.20
C LEU A 332 -1.92 -36.53 5.37
N ARG A 333 -2.99 -37.26 5.12
CA ARG A 333 -3.83 -37.78 6.19
C ARG A 333 -4.07 -39.27 6.05
N ARG A 334 -3.94 -39.98 7.17
CA ARG A 334 -4.23 -41.42 7.25
C ARG A 334 -5.74 -41.62 7.08
N HIS A 335 -6.16 -42.45 6.10
CA HIS A 335 -7.55 -42.74 5.77
C HIS A 335 -8.33 -43.31 6.96
N GLY B 13 24.38 24.32 -16.28
CA GLY B 13 23.70 25.58 -15.95
C GLY B 13 22.50 25.37 -15.04
N SER B 14 22.11 24.11 -14.86
CA SER B 14 20.98 23.73 -14.06
C SER B 14 21.29 23.75 -12.56
N MET B 15 20.24 23.95 -11.77
CA MET B 15 20.29 23.91 -10.31
C MET B 15 19.28 22.87 -9.85
N LYS B 16 19.46 22.39 -8.64
CA LYS B 16 18.58 21.37 -8.08
C LYS B 16 17.46 21.94 -7.27
N PHE B 17 16.24 21.49 -7.56
CA PHE B 17 15.06 21.89 -6.80
C PHE B 17 14.30 20.69 -6.28
N LEU B 18 13.82 20.78 -5.00
CA LEU B 18 13.00 19.74 -4.40
CA LEU B 18 12.99 19.74 -4.37
C LEU B 18 11.54 20.20 -4.30
N PHE B 19 10.64 19.41 -4.88
CA PHE B 19 9.21 19.64 -4.86
C PHE B 19 8.60 18.64 -3.87
N TYR B 20 8.01 19.17 -2.75
CA TYR B 20 7.30 18.37 -1.76
C TYR B 20 5.86 18.37 -2.24
N LEU B 21 5.47 17.23 -2.77
CA LEU B 21 4.19 17.08 -3.44
C LEU B 21 3.01 16.80 -2.52
N SER B 22 1.82 17.28 -2.94
CA SER B 22 0.57 17.03 -2.22
C SER B 22 0.27 15.54 -2.38
N ALA B 23 -0.17 14.88 -1.31
CA ALA B 23 -0.52 13.45 -1.36
C ALA B 23 -1.81 13.17 -2.16
N ASP B 24 -2.65 14.22 -2.42
CA ASP B 24 -3.92 14.16 -3.14
C ASP B 24 -3.88 13.23 -4.36
N ASN B 25 -2.94 13.49 -5.27
CA ASN B 25 -2.73 12.69 -6.47
C ASN B 25 -1.28 12.89 -6.91
N LEU B 26 -0.40 11.93 -6.57
CA LEU B 26 1.02 11.98 -6.89
C LEU B 26 1.29 11.99 -8.38
N GLU B 27 0.46 11.30 -9.21
CA GLU B 27 0.65 11.30 -10.66
C GLU B 27 0.40 12.71 -11.21
N ILE B 28 -0.70 13.39 -10.77
CA ILE B 28 -1.04 14.76 -11.17
C ILE B 28 0.09 15.68 -10.69
N ALA B 29 0.44 15.59 -9.40
CA ALA B 29 1.50 16.38 -8.78
C ALA B 29 2.83 16.36 -9.55
N ARG B 30 3.35 15.16 -9.89
CA ARG B 30 4.62 14.96 -10.62
C ARG B 30 4.55 15.51 -12.04
N LYS B 31 3.50 15.17 -12.77
CA LYS B 31 3.34 15.61 -14.14
C LYS B 31 3.11 17.13 -14.22
N GLU B 32 2.45 17.75 -13.22
CA GLU B 32 2.23 19.21 -13.19
C GLU B 32 3.58 19.95 -13.11
N VAL B 33 4.51 19.45 -12.30
CA VAL B 33 5.83 20.09 -12.18
C VAL B 33 6.62 19.93 -13.51
N LEU B 34 6.65 18.71 -14.04
CA LEU B 34 7.44 18.35 -15.21
C LEU B 34 6.97 19.06 -16.46
N VAL B 35 5.65 19.14 -16.66
CA VAL B 35 5.06 19.83 -17.80
C VAL B 35 5.45 21.28 -17.74
N LEU B 36 5.29 21.93 -16.58
CA LEU B 36 5.64 23.33 -16.45
C LEU B 36 7.15 23.61 -16.62
N ALA B 37 8.01 22.75 -16.06
CA ALA B 37 9.46 22.82 -16.17
C ALA B 37 9.88 22.73 -17.67
N GLU B 38 9.25 21.81 -18.42
CA GLU B 38 9.52 21.61 -19.84
C GLU B 38 9.16 22.86 -20.66
N ARG B 39 8.18 23.65 -20.22
CA ARG B 39 7.73 24.83 -20.99
C ARG B 39 8.40 26.13 -20.55
N TYR B 40 8.73 26.25 -19.25
CA TYR B 40 9.40 27.40 -18.65
C TYR B 40 10.91 27.40 -18.81
N GLY B 41 11.49 26.21 -18.81
CA GLY B 41 12.94 26.06 -18.93
C GLY B 41 13.37 24.75 -19.55
N TRP B 42 14.45 24.20 -18.99
CA TRP B 42 15.07 22.99 -19.52
C TRP B 42 15.43 22.06 -18.36
N VAL B 43 15.02 20.81 -18.49
CA VAL B 43 15.24 19.80 -17.42
C VAL B 43 16.44 18.97 -17.78
N GLU B 44 17.45 19.02 -16.94
CA GLU B 44 18.63 18.20 -17.09
C GLU B 44 18.27 16.75 -16.67
N ASP B 45 17.60 16.60 -15.51
CA ASP B 45 17.21 15.30 -14.99
C ASP B 45 16.13 15.49 -13.91
N TYR B 46 15.48 14.40 -13.54
CA TYR B 46 14.49 14.37 -12.47
C TYR B 46 14.51 13.01 -11.82
N GLN B 47 14.00 12.94 -10.59
CA GLN B 47 13.83 11.69 -9.85
C GLN B 47 12.72 11.89 -8.85
N PHE B 48 11.91 10.85 -8.63
CA PHE B 48 10.80 10.96 -7.69
C PHE B 48 10.82 9.83 -6.72
N GLU B 49 10.55 10.18 -5.47
CA GLU B 49 10.65 9.25 -4.37
C GLU B 49 9.52 9.60 -3.46
N GLU B 50 8.39 8.87 -3.57
CA GLU B 50 7.20 9.08 -2.74
C GLU B 50 6.63 10.49 -2.97
N ARG B 51 6.67 11.38 -1.95
CA ARG B 51 6.18 12.77 -2.10
C ARG B 51 7.31 13.76 -2.48
N LEU B 52 8.52 13.23 -2.77
CA LEU B 52 9.64 14.05 -3.18
C LEU B 52 9.89 13.97 -4.67
N LEU B 53 10.12 15.11 -5.29
CA LEU B 53 10.44 15.22 -6.72
C LEU B 53 11.68 16.12 -6.80
N LEU B 54 12.80 15.55 -7.21
CA LEU B 54 14.06 16.28 -7.37
CA LEU B 54 14.06 16.28 -7.37
C LEU B 54 14.23 16.62 -8.84
N LEU B 55 14.36 17.89 -9.14
CA LEU B 55 14.50 18.36 -10.48
C LEU B 55 15.83 19.04 -10.66
N ASP B 56 16.54 18.71 -11.75
CA ASP B 56 17.75 19.42 -12.16
C ASP B 56 17.27 20.34 -13.26
N TYR B 57 17.13 21.60 -12.95
CA TYR B 57 16.46 22.55 -13.84
C TYR B 57 17.17 23.84 -14.06
N ALA B 58 17.02 24.39 -15.28
CA ALA B 58 17.44 25.74 -15.59
C ALA B 58 16.27 26.45 -16.24
N GLY B 59 16.18 27.74 -16.03
CA GLY B 59 15.17 28.60 -16.67
C GLY B 59 14.36 29.44 -15.72
N GLU B 60 13.23 29.89 -16.20
CA GLU B 60 12.34 30.73 -15.42
C GLU B 60 11.61 29.91 -14.35
N LYS B 61 11.46 30.49 -13.14
CA LYS B 61 10.69 29.85 -12.10
C LYS B 61 9.17 29.97 -12.42
N PHE B 62 8.41 28.93 -12.08
CA PHE B 62 6.96 28.78 -12.37
C PHE B 62 6.22 28.32 -11.11
N PHE B 63 6.90 28.38 -9.96
CA PHE B 63 6.40 27.80 -8.70
C PHE B 63 5.07 28.36 -8.22
N GLU B 64 4.82 29.67 -8.42
CA GLU B 64 3.58 30.31 -7.98
C GLU B 64 2.33 29.70 -8.58
N ARG B 65 2.45 29.06 -9.76
CA ARG B 65 1.37 28.43 -10.52
C ARG B 65 0.92 27.06 -9.99
N LEU B 66 1.83 26.35 -9.30
CA LEU B 66 1.60 24.99 -8.83
C LEU B 66 0.40 24.82 -7.88
N ALA B 67 -0.44 23.82 -8.19
CA ALA B 67 -1.64 23.47 -7.46
C ALA B 67 -1.44 22.24 -6.55
N TYR B 68 -0.66 21.25 -6.99
CA TYR B 68 -0.39 20.01 -6.25
C TYR B 68 1.03 19.93 -5.66
N THR B 69 1.77 21.07 -5.60
CA THR B 69 3.10 21.11 -4.95
C THR B 69 2.87 21.90 -3.67
N ASN B 70 3.31 21.38 -2.53
CA ASN B 70 3.11 22.11 -1.28
C ASN B 70 4.28 23.02 -1.00
N GLU B 71 5.50 22.55 -1.33
CA GLU B 71 6.77 23.22 -1.07
C GLU B 71 7.76 23.05 -2.19
N VAL B 72 8.55 24.10 -2.42
CA VAL B 72 9.68 24.07 -3.34
C VAL B 72 10.87 24.60 -2.58
N THR B 73 11.96 23.83 -2.59
CA THR B 73 13.21 24.16 -1.94
C THR B 73 14.35 24.14 -2.96
N LYS B 74 15.19 25.16 -2.93
CA LYS B 74 16.36 25.22 -3.82
C LYS B 74 17.47 24.44 -3.09
N ILE B 75 17.88 23.30 -3.65
CA ILE B 75 18.84 22.39 -3.00
C ILE B 75 20.28 22.92 -3.06
N TYR B 76 20.90 23.00 -1.88
CA TYR B 76 22.28 23.41 -1.74
C TYR B 76 23.15 22.14 -1.76
N ASP B 77 22.73 21.10 -1.02
CA ASP B 77 23.43 19.81 -0.96
C ASP B 77 22.53 18.66 -0.55
N ILE B 78 23.02 17.44 -0.85
CA ILE B 78 22.45 16.16 -0.49
C ILE B 78 23.55 15.45 0.24
N CYS B 79 23.27 15.01 1.49
CA CYS B 79 24.29 14.37 2.32
C CYS B 79 23.65 13.34 3.27
N SER B 80 24.46 12.64 4.05
CA SER B 80 23.97 11.74 5.09
C SER B 80 23.82 12.60 6.38
N VAL B 81 23.11 12.10 7.44
CA VAL B 81 22.88 12.86 8.70
C VAL B 81 24.22 13.39 9.31
N SER B 82 25.24 12.53 9.44
N SER B 82 25.24 12.51 9.44
CA SER B 82 26.55 12.85 10.03
CA SER B 82 26.56 12.84 10.01
C SER B 82 27.32 13.96 9.31
C SER B 82 27.30 13.98 9.32
N GLU B 83 26.97 14.25 8.04
CA GLU B 83 27.56 15.31 7.21
C GLU B 83 26.81 16.66 7.30
N LEU B 84 25.66 16.74 8.01
CA LEU B 84 24.83 17.96 8.08
C LEU B 84 25.56 19.17 8.67
N GLU B 85 26.39 18.96 9.72
CA GLU B 85 27.18 20.05 10.32
C GLU B 85 28.19 20.61 9.30
N GLN B 86 28.76 19.72 8.48
CA GLN B 86 29.66 20.14 7.42
C GLN B 86 28.91 21.05 6.41
N VAL B 87 27.76 20.60 5.91
CA VAL B 87 26.93 21.36 4.96
C VAL B 87 26.50 22.71 5.55
N PHE B 88 26.05 22.69 6.81
CA PHE B 88 25.57 23.88 7.51
C PHE B 88 26.70 24.84 7.89
N SER B 89 27.95 24.37 7.90
CA SER B 89 29.11 25.27 8.13
C SER B 89 29.41 26.10 6.84
N GLU B 90 29.02 25.61 5.62
CA GLU B 90 29.31 26.28 4.34
C GLU B 90 28.12 26.96 3.64
N ILE B 91 26.88 26.59 3.99
CA ILE B 91 25.65 27.15 3.39
C ILE B 91 25.63 28.70 3.50
N PRO B 92 25.29 29.47 2.44
CA PRO B 92 25.26 30.93 2.63
C PRO B 92 24.41 31.40 3.80
N VAL B 93 24.94 32.33 4.58
CA VAL B 93 24.24 32.99 5.67
C VAL B 93 23.87 34.39 5.17
N TYR B 94 22.61 34.76 5.34
CA TYR B 94 22.05 36.05 4.91
C TYR B 94 21.76 36.98 6.09
N ASP B 95 21.49 38.23 5.80
CA ASP B 95 21.15 39.29 6.75
C ASP B 95 19.79 39.09 7.46
N ARG B 96 18.87 38.40 6.79
CA ARG B 96 17.49 38.14 7.16
C ARG B 96 17.30 37.21 8.36
N LEU B 97 16.13 37.31 9.03
CA LEU B 97 15.76 36.43 10.14
C LEU B 97 15.50 35.04 9.57
N CYS B 98 16.09 34.03 10.20
CA CYS B 98 16.00 32.68 9.69
C CYS B 98 15.70 31.63 10.74
N CYS B 99 15.33 30.45 10.27
CA CYS B 99 15.20 29.26 11.10
C CYS B 99 15.54 28.07 10.24
N VAL B 100 15.63 26.89 10.85
CA VAL B 100 15.84 25.68 10.11
C VAL B 100 14.67 24.73 10.43
N ARG B 101 14.15 24.08 9.41
CA ARG B 101 13.02 23.16 9.55
C ARG B 101 13.33 21.82 8.91
N VAL B 102 13.36 20.76 9.74
CA VAL B 102 13.62 19.44 9.17
C VAL B 102 12.29 18.65 9.05
N LYS B 103 12.14 17.91 7.98
CA LYS B 103 10.97 17.09 7.70
C LYS B 103 11.42 15.65 7.49
N GLY B 104 10.92 14.76 8.33
CA GLY B 104 11.24 13.34 8.23
C GLY B 104 12.24 12.85 9.26
N GLY B 105 12.05 11.60 9.67
CA GLY B 105 12.90 10.92 10.66
C GLY B 105 12.60 11.28 12.09
N LYS B 106 13.51 10.92 12.99
CA LYS B 106 13.36 11.17 14.43
C LYS B 106 14.39 12.21 14.89
N GLY B 107 14.16 12.80 16.06
CA GLY B 107 15.04 13.82 16.63
C GLY B 107 15.03 15.10 15.80
N LYS B 108 13.90 15.39 15.12
CA LYS B 108 13.77 16.58 14.27
C LYS B 108 14.09 17.88 14.98
N THR B 109 13.56 18.05 16.20
CA THR B 109 13.74 19.27 17.01
C THR B 109 15.17 19.42 17.49
N ALA B 110 15.82 18.32 17.93
CA ALA B 110 17.22 18.33 18.36
C ALA B 110 18.14 18.75 17.18
N LEU B 111 17.86 18.23 15.97
CA LEU B 111 18.59 18.57 14.75
C LEU B 111 18.45 20.07 14.37
N GLU B 112 17.21 20.63 14.43
CA GLU B 112 16.96 22.06 14.14
C GLU B 112 17.75 22.95 15.11
N ARG B 113 17.76 22.59 16.40
CA ARG B 113 18.47 23.37 17.40
C ARG B 113 19.99 23.31 17.20
N LYS B 114 20.54 22.13 16.82
CA LYS B 114 21.96 21.93 16.57
C LYS B 114 22.39 22.72 15.30
N LEU B 115 21.63 22.58 14.22
CA LEU B 115 21.98 23.22 12.96
C LEU B 115 21.80 24.73 13.01
N GLY B 116 20.77 25.16 13.74
CA GLY B 116 20.48 26.57 13.96
C GLY B 116 21.52 27.20 14.87
N ALA B 117 22.15 26.39 15.76
CA ALA B 117 23.19 26.89 16.67
C ALA B 117 24.45 27.17 15.87
N LEU B 118 24.75 26.32 14.86
CA LEU B 118 25.88 26.47 13.94
C LEU B 118 25.68 27.75 13.10
N LEU B 119 24.46 27.95 12.58
CA LEU B 119 24.13 29.14 11.80
C LEU B 119 24.30 30.38 12.66
N TRP B 120 23.82 30.34 13.92
CA TRP B 120 23.93 31.45 14.87
C TRP B 120 25.39 31.78 15.13
N LYS B 121 26.23 30.74 15.38
CA LYS B 121 27.69 30.90 15.62
C LYS B 121 28.37 31.61 14.43
N ARG B 122 27.84 31.39 13.20
CA ARG B 122 28.29 32.00 11.94
C ARG B 122 27.65 33.40 11.72
N GLY B 123 26.93 33.92 12.72
CA GLY B 123 26.30 35.24 12.63
C GLY B 123 24.90 35.28 12.03
N ALA B 124 24.18 34.14 11.94
CA ALA B 124 22.80 34.15 11.41
C ALA B 124 21.80 34.62 12.48
N LYS B 125 20.86 35.48 12.09
CA LYS B 125 19.80 36.01 12.97
C LYS B 125 18.67 34.98 12.97
N VAL B 126 18.45 34.33 14.12
CA VAL B 126 17.52 33.21 14.27
C VAL B 126 16.20 33.63 14.93
N SER B 127 15.09 33.22 14.31
CA SER B 127 13.72 33.45 14.76
C SER B 127 12.94 32.21 14.35
N VAL B 128 12.56 31.38 15.34
CA VAL B 128 11.80 30.15 15.11
C VAL B 128 10.36 30.55 14.77
N SER B 129 9.82 31.53 15.52
CA SER B 129 8.46 32.06 15.40
C SER B 129 8.20 32.84 14.12
N ASN B 130 9.01 33.87 13.79
CA ASN B 130 8.73 34.64 12.58
C ASN B 130 9.95 34.79 11.64
N PRO B 131 10.37 33.69 10.98
CA PRO B 131 11.52 33.80 10.07
C PRO B 131 11.14 34.39 8.71
N GLU B 132 12.12 35.01 8.04
CA GLU B 132 11.95 35.51 6.69
C GLU B 132 12.45 34.43 5.71
N ILE B 133 13.53 33.74 6.10
N ILE B 133 13.55 33.75 6.06
CA ILE B 133 14.24 32.71 5.35
CA ILE B 133 14.11 32.68 5.22
C ILE B 133 14.14 31.37 6.09
C ILE B 133 14.20 31.39 6.01
N VAL B 134 13.91 30.27 5.35
CA VAL B 134 13.85 28.96 5.97
C VAL B 134 14.88 28.03 5.33
N TYR B 135 15.73 27.44 6.17
CA TYR B 135 16.66 26.40 5.76
C TYR B 135 15.93 25.10 5.98
N LYS B 136 15.74 24.33 4.91
CA LYS B 136 15.01 23.08 4.92
C LYS B 136 15.93 21.88 4.83
N VAL B 137 15.60 20.82 5.57
CA VAL B 137 16.28 19.54 5.55
C VAL B 137 15.19 18.47 5.38
N TYR B 138 15.18 17.79 4.23
CA TYR B 138 14.22 16.71 4.02
C TYR B 138 14.97 15.39 4.22
N ILE B 139 14.52 14.56 5.16
CA ILE B 139 15.20 13.28 5.43
C ILE B 139 14.33 12.13 4.97
N GLN B 140 14.84 11.39 3.97
CA GLN B 140 14.16 10.24 3.41
C GLN B 140 15.21 9.22 3.03
N ASP B 141 15.03 7.97 3.51
CA ASP B 141 15.93 6.83 3.23
C ASP B 141 17.42 7.19 3.40
N ASP B 142 17.77 7.71 4.60
CA ASP B 142 19.11 8.12 5.05
C ASP B 142 19.77 9.23 4.19
N LYS B 143 18.99 9.89 3.35
CA LYS B 143 19.51 10.98 2.54
C LYS B 143 18.88 12.28 3.00
N CYS B 144 19.71 13.30 3.26
CA CYS B 144 19.28 14.63 3.67
C CYS B 144 19.33 15.58 2.49
N TYR B 145 18.19 16.19 2.16
CA TYR B 145 18.12 17.17 1.06
C TYR B 145 18.02 18.50 1.73
N VAL B 146 19.11 19.27 1.65
CA VAL B 146 19.35 20.54 2.34
C VAL B 146 19.20 21.68 1.36
N GLY B 147 18.38 22.63 1.71
CA GLY B 147 18.16 23.77 0.85
C GLY B 147 17.47 24.93 1.52
N LEU B 148 17.20 25.97 0.73
CA LEU B 148 16.50 27.17 1.12
C LEU B 148 15.09 27.10 0.54
N LEU B 149 14.10 27.29 1.39
CA LEU B 149 12.71 27.26 0.97
C LEU B 149 12.45 28.40 -0.05
N GLU B 150 11.91 28.06 -1.22
CA GLU B 150 11.65 28.98 -2.35
C GLU B 150 10.14 29.32 -2.50
N PHE B 151 9.26 28.33 -2.24
CA PHE B 151 7.79 28.45 -2.38
C PHE B 151 7.06 27.59 -1.37
N GLU B 152 5.95 28.13 -0.84
CA GLU B 152 5.02 27.44 0.06
C GLU B 152 3.67 27.69 -0.51
N ARG B 153 2.93 26.62 -0.76
CA ARG B 153 1.62 26.81 -1.38
C ARG B 153 0.59 27.41 -0.43
N ASP B 154 -0.11 28.41 -0.94
CA ASP B 154 -1.23 29.11 -0.33
C ASP B 154 -2.44 28.20 -0.62
N THR B 155 -2.77 27.32 0.33
CA THR B 155 -3.87 26.35 0.21
C THR B 155 -5.24 27.06 0.24
N ARG B 156 -5.36 28.09 1.11
CA ARG B 156 -6.57 28.88 1.31
C ARG B 156 -7.10 29.60 0.06
N GLN B 157 -6.22 29.89 -0.93
CA GLN B 157 -6.60 30.54 -2.20
C GLN B 157 -7.67 29.73 -2.95
N PHE B 158 -7.59 28.40 -2.85
CA PHE B 158 -8.53 27.50 -3.55
C PHE B 158 -9.87 27.45 -2.85
N PHE B 159 -9.89 27.53 -1.50
CA PHE B 159 -11.11 27.58 -0.71
C PHE B 159 -11.85 28.91 -1.01
N LEU B 160 -11.10 30.02 -1.11
CA LEU B 160 -11.66 31.37 -1.35
C LEU B 160 -12.24 31.58 -2.74
N ARG B 161 -12.08 30.63 -3.65
CA ARG B 161 -12.73 30.77 -4.95
C ARG B 161 -13.42 29.47 -5.37
N ARG B 162 -13.89 28.68 -4.37
CA ARG B 162 -14.68 27.46 -4.65
C ARG B 162 -15.94 27.88 -5.43
N PRO B 163 -16.50 27.00 -6.32
CA PRO B 163 -17.61 27.44 -7.18
C PRO B 163 -18.80 28.13 -6.50
N ASP B 164 -19.11 27.79 -5.24
CA ASP B 164 -20.24 28.40 -4.51
C ASP B 164 -20.00 29.89 -4.11
N ARG B 165 -18.75 30.38 -4.17
CA ARG B 165 -18.36 31.77 -3.87
C ARG B 165 -18.44 32.70 -5.10
N ARG B 166 -18.82 32.14 -6.26
CA ARG B 166 -18.94 32.87 -7.53
C ARG B 166 -20.38 33.38 -7.76
N PRO B 167 -20.56 34.54 -8.46
CA PRO B 167 -21.92 35.06 -8.69
C PRO B 167 -22.81 34.13 -9.51
N PHE B 168 -22.27 33.42 -10.50
CA PHE B 168 -23.04 32.47 -11.31
C PHE B 168 -22.68 31.05 -10.85
N LEU B 169 -23.64 30.32 -10.25
CA LEU B 169 -23.47 28.96 -9.71
C LEU B 169 -24.31 27.94 -10.50
N MET B 170 -23.76 26.74 -10.71
CA MET B 170 -24.38 25.58 -11.36
C MET B 170 -23.86 24.34 -10.57
N PRO B 171 -24.57 23.19 -10.52
CA PRO B 171 -24.05 22.06 -9.73
C PRO B 171 -22.92 21.27 -10.38
N SER B 172 -22.14 20.56 -9.53
CA SER B 172 -21.02 19.67 -9.87
C SER B 172 -19.94 20.34 -10.73
N ALA B 173 -19.43 21.49 -10.26
CA ALA B 173 -18.37 22.21 -10.96
C ALA B 173 -17.02 21.75 -10.42
N ILE B 174 -15.99 21.74 -11.28
CA ILE B 174 -14.63 21.37 -10.90
C ILE B 174 -14.05 22.42 -9.93
N LYS B 175 -13.51 21.96 -8.81
CA LYS B 175 -12.92 22.76 -7.73
C LYS B 175 -11.61 23.46 -8.18
N PRO B 176 -11.27 24.68 -7.66
CA PRO B 176 -10.05 25.38 -8.11
C PRO B 176 -8.73 24.61 -8.17
N LYS B 177 -8.42 23.79 -7.16
CA LYS B 177 -7.14 23.06 -7.12
C LYS B 177 -6.99 22.13 -8.34
N LEU B 178 -7.97 21.23 -8.58
CA LEU B 178 -7.91 20.33 -9.74
C LEU B 178 -7.96 21.15 -11.03
N ALA B 179 -8.83 22.19 -11.11
CA ALA B 179 -8.93 23.01 -12.32
C ALA B 179 -7.58 23.66 -12.67
N ARG B 180 -6.91 24.28 -11.68
CA ARG B 180 -5.58 24.88 -11.86
C ARG B 180 -4.53 23.86 -12.31
N ALA B 181 -4.50 22.68 -11.67
CA ALA B 181 -3.51 21.67 -12.02
C ALA B 181 -3.72 21.20 -13.46
N LEU B 182 -4.99 21.05 -13.89
CA LEU B 182 -5.30 20.58 -15.24
C LEU B 182 -4.93 21.59 -16.29
N VAL B 183 -5.11 22.90 -15.98
CA VAL B 183 -4.69 23.99 -16.87
C VAL B 183 -3.14 23.92 -16.99
N ASN B 184 -2.44 23.79 -15.84
CA ASN B 184 -0.98 23.65 -15.81
C ASN B 184 -0.51 22.43 -16.58
N LEU B 185 -1.26 21.30 -16.52
CA LEU B 185 -0.86 20.08 -17.25
C LEU B 185 -0.84 20.26 -18.78
N THR B 186 -1.53 21.26 -19.30
CA THR B 186 -1.50 21.50 -20.75
C THR B 186 -0.20 22.19 -21.15
N GLY B 187 0.44 22.85 -20.18
CA GLY B 187 1.70 23.58 -20.36
C GLY B 187 1.50 24.96 -20.98
N VAL B 188 0.27 25.52 -20.92
N VAL B 188 0.28 25.52 -20.93
CA VAL B 188 0.00 26.86 -21.47
CA VAL B 188 -0.01 26.86 -21.52
C VAL B 188 0.79 27.90 -20.68
C VAL B 188 0.66 27.95 -20.68
N LEU B 189 1.28 28.92 -21.37
CA LEU B 189 2.01 30.04 -20.79
C LEU B 189 1.17 31.30 -20.93
N GLU B 190 1.62 32.36 -20.24
CA GLU B 190 1.04 33.70 -20.24
C GLU B 190 0.96 34.18 -21.71
N GLY B 191 -0.17 34.75 -22.10
CA GLY B 191 -0.35 35.21 -23.47
C GLY B 191 -0.80 34.13 -24.45
N GLU B 192 -0.70 32.84 -24.08
CA GLU B 192 -1.20 31.77 -24.99
C GLU B 192 -2.67 31.46 -24.66
N THR B 193 -3.34 30.72 -25.54
CA THR B 193 -4.75 30.38 -25.36
C THR B 193 -5.02 29.04 -24.69
N LEU B 194 -5.82 29.06 -23.60
CA LEU B 194 -6.34 27.87 -23.00
C LEU B 194 -7.81 27.83 -23.43
N LEU B 195 -8.21 26.74 -24.10
CA LEU B 195 -9.60 26.56 -24.52
C LEU B 195 -10.35 25.59 -23.62
N ASP B 196 -11.56 25.99 -23.21
CA ASP B 196 -12.50 25.10 -22.53
C ASP B 196 -13.76 25.11 -23.36
N PRO B 197 -13.97 24.03 -24.15
CA PRO B 197 -15.11 23.99 -25.09
C PRO B 197 -16.48 23.52 -24.55
N MET B 198 -16.61 23.33 -23.21
CA MET B 198 -17.85 22.95 -22.47
C MET B 198 -17.61 23.61 -21.12
N CYS B 199 -17.44 24.94 -21.13
CA CYS B 199 -16.90 25.71 -20.00
C CYS B 199 -17.80 25.91 -18.80
N GLY B 200 -19.13 25.78 -18.96
CA GLY B 200 -20.05 25.96 -17.85
C GLY B 200 -19.84 27.26 -17.08
N THR B 201 -19.60 27.15 -15.77
CA THR B 201 -19.37 28.26 -14.83
C THR B 201 -17.97 28.89 -14.91
N GLY B 202 -17.11 28.30 -15.73
CA GLY B 202 -15.77 28.81 -16.01
C GLY B 202 -14.66 28.43 -15.06
N SER B 203 -14.73 27.27 -14.41
CA SER B 203 -13.69 26.80 -13.46
C SER B 203 -12.27 26.84 -14.03
N PHE B 204 -12.08 26.28 -15.24
CA PHE B 204 -10.78 26.19 -15.93
C PHE B 204 -10.40 27.57 -16.49
N LEU B 205 -11.36 28.33 -17.01
CA LEU B 205 -11.13 29.68 -17.53
C LEU B 205 -10.67 30.62 -16.41
N ILE B 206 -11.23 30.48 -15.19
CA ILE B 206 -10.86 31.33 -14.05
C ILE B 206 -9.41 31.10 -13.68
N GLU B 207 -9.03 29.84 -13.49
CA GLU B 207 -7.66 29.50 -13.15
C GLU B 207 -6.67 29.95 -14.21
N ALA B 208 -6.97 29.68 -15.50
CA ALA B 208 -6.16 30.11 -16.63
C ALA B 208 -5.99 31.65 -16.62
N GLY B 209 -7.11 32.38 -16.57
CA GLY B 209 -7.12 33.85 -16.55
C GLY B 209 -6.36 34.44 -15.36
N LEU B 210 -6.46 33.83 -14.18
CA LEU B 210 -5.74 34.34 -13.01
C LEU B 210 -4.23 34.12 -13.14
N MET B 211 -3.83 33.16 -14.01
CA MET B 211 -2.41 32.87 -14.25
C MET B 211 -1.88 33.61 -15.48
N GLY B 212 -2.65 34.59 -15.98
CA GLY B 212 -2.28 35.42 -17.13
C GLY B 212 -2.46 34.70 -18.44
N ILE B 213 -3.16 33.56 -18.44
CA ILE B 213 -3.44 32.80 -19.67
C ILE B 213 -4.66 33.42 -20.32
N ASN B 214 -4.65 33.51 -21.65
CA ASN B 214 -5.75 34.08 -22.42
C ASN B 214 -6.87 33.01 -22.52
N PRO B 215 -8.00 33.16 -21.78
CA PRO B 215 -9.02 32.09 -21.79
C PRO B 215 -10.11 32.20 -22.83
N ILE B 216 -10.43 31.05 -23.45
CA ILE B 216 -11.52 30.97 -24.41
C ILE B 216 -12.42 29.84 -23.95
N GLY B 217 -13.66 30.15 -23.72
CA GLY B 217 -14.69 29.21 -23.33
C GLY B 217 -15.75 29.09 -24.38
N ILE B 218 -16.27 27.88 -24.55
CA ILE B 218 -17.39 27.61 -25.46
C ILE B 218 -18.48 26.88 -24.66
N ASP B 219 -19.75 27.25 -24.86
CA ASP B 219 -20.89 26.56 -24.21
C ASP B 219 -22.09 26.64 -25.13
N PHE B 220 -22.88 25.57 -25.22
CA PHE B 220 -24.01 25.54 -26.15
C PHE B 220 -25.34 26.03 -25.54
N ILE B 221 -25.29 26.59 -24.31
CA ILE B 221 -26.45 27.19 -23.66
C ILE B 221 -26.15 28.67 -23.52
N GLU B 222 -26.96 29.54 -24.18
CA GLU B 222 -26.77 30.99 -24.12
C GLU B 222 -26.75 31.55 -22.68
N LYS B 223 -27.72 31.11 -21.85
CA LYS B 223 -27.82 31.44 -20.42
C LYS B 223 -26.50 31.15 -19.70
N ILE B 224 -25.84 30.02 -20.07
CA ILE B 224 -24.60 29.63 -19.40
C ILE B 224 -23.44 30.48 -19.92
N VAL B 225 -23.39 30.77 -21.25
CA VAL B 225 -22.39 31.66 -21.86
C VAL B 225 -22.37 33.02 -21.12
N ARG B 226 -23.57 33.64 -20.91
CA ARG B 226 -23.75 34.93 -20.21
C ARG B 226 -23.24 34.87 -18.77
N GLY B 227 -23.64 33.83 -18.02
CA GLY B 227 -23.25 33.62 -16.63
C GLY B 227 -21.76 33.41 -16.44
N CYS B 228 -21.12 32.69 -17.39
CA CYS B 228 -19.68 32.45 -17.35
C CYS B 228 -18.92 33.79 -17.50
N ARG B 229 -19.43 34.70 -18.39
CA ARG B 229 -18.86 36.04 -18.59
C ARG B 229 -18.95 36.83 -17.29
N VAL B 230 -20.08 36.71 -16.56
CA VAL B 230 -20.32 37.35 -15.24
C VAL B 230 -19.23 36.83 -14.27
N ASN B 231 -19.01 35.53 -14.27
CA ASN B 231 -17.95 34.90 -13.46
C ASN B 231 -16.55 35.39 -13.81
N LEU B 232 -16.22 35.49 -15.12
CA LEU B 232 -14.89 35.99 -15.54
C LEU B 232 -14.66 37.44 -15.15
N GLU B 233 -15.69 38.33 -15.37
CA GLU B 233 -15.67 39.74 -15.01
C GLU B 233 -15.47 39.92 -13.49
N TYR B 234 -16.18 39.12 -12.68
CA TYR B 234 -16.07 39.13 -11.22
C TYR B 234 -14.60 38.98 -10.76
N TYR B 235 -13.79 38.14 -11.46
CA TYR B 235 -12.37 37.92 -11.17
C TYR B 235 -11.39 38.84 -11.95
N GLY B 236 -11.94 39.84 -12.64
CA GLY B 236 -11.20 40.83 -13.44
C GLY B 236 -10.43 40.20 -14.58
N ILE B 237 -11.03 39.17 -15.18
CA ILE B 237 -10.41 38.39 -16.24
C ILE B 237 -10.94 38.81 -17.58
N GLU B 238 -10.02 39.06 -18.51
CA GLU B 238 -10.37 39.40 -19.88
C GLU B 238 -10.22 38.13 -20.71
N GLY B 239 -11.34 37.64 -21.20
CA GLY B 239 -11.39 36.43 -21.99
C GLY B 239 -12.62 36.41 -22.86
N SER B 240 -12.79 35.32 -23.63
CA SER B 240 -13.96 35.22 -24.49
C SER B 240 -14.75 33.99 -24.12
N VAL B 241 -16.08 34.13 -24.06
CA VAL B 241 -17.01 33.03 -23.83
C VAL B 241 -17.95 33.05 -25.02
N LEU B 242 -17.86 32.03 -25.85
CA LEU B 242 -18.65 31.94 -27.08
C LEU B 242 -19.73 30.89 -27.04
N LEU B 243 -20.84 31.21 -27.69
CA LEU B 243 -21.96 30.30 -27.86
C LEU B 243 -21.60 29.37 -29.02
N GLY B 244 -21.47 28.08 -28.74
CA GLY B 244 -21.14 27.09 -29.76
C GLY B 244 -21.16 25.66 -29.24
N ASP B 245 -20.93 24.69 -30.14
CA ASP B 245 -20.88 23.29 -29.75
C ASP B 245 -19.44 22.80 -29.79
N ALA B 246 -19.02 21.99 -28.79
CA ALA B 246 -17.68 21.39 -28.68
C ALA B 246 -17.35 20.47 -29.88
N LYS B 247 -18.42 19.86 -30.46
CA LYS B 247 -18.34 18.98 -31.62
C LYS B 247 -17.96 19.72 -32.92
N ASN B 248 -18.15 21.05 -32.93
CA ASN B 248 -17.87 21.89 -34.10
C ASN B 248 -17.33 23.25 -33.64
N LEU B 249 -16.04 23.29 -33.34
CA LEU B 249 -15.34 24.48 -32.80
C LEU B 249 -15.21 25.63 -33.82
N PRO B 250 -15.65 26.85 -33.47
CA PRO B 250 -15.52 27.97 -34.44
C PRO B 250 -14.16 28.67 -34.26
N LEU B 251 -13.09 27.89 -34.29
CA LEU B 251 -11.71 28.34 -34.08
C LEU B 251 -10.84 27.82 -35.21
N ARG B 252 -9.70 28.48 -35.50
CA ARG B 252 -8.86 28.01 -36.61
C ARG B 252 -7.97 26.85 -36.20
N ASP B 253 -7.50 26.10 -37.20
CA ASP B 253 -6.59 24.98 -37.02
C ASP B 253 -5.32 25.49 -36.33
N GLU B 254 -4.71 24.66 -35.47
CA GLU B 254 -3.45 24.92 -34.78
C GLU B 254 -3.34 26.32 -34.11
N SER B 255 -4.42 26.76 -33.44
CA SER B 255 -4.50 28.08 -32.82
C SER B 255 -4.60 28.06 -31.30
N VAL B 256 -4.71 26.86 -30.72
CA VAL B 256 -4.88 26.72 -29.28
C VAL B 256 -3.72 25.93 -28.71
N ARG B 257 -3.13 26.43 -27.62
CA ARG B 257 -1.98 25.76 -27.01
C ARG B 257 -2.42 24.62 -26.09
N GLY B 258 -3.52 24.86 -25.36
CA GLY B 258 -4.07 23.90 -24.42
C GLY B 258 -5.58 23.83 -24.33
N ILE B 259 -6.07 22.65 -23.99
CA ILE B 259 -7.49 22.40 -23.77
C ILE B 259 -7.68 21.84 -22.37
N ALA B 260 -8.57 22.44 -21.60
CA ALA B 260 -8.87 21.92 -20.27
C ALA B 260 -10.37 21.84 -20.17
N THR B 261 -10.91 20.65 -19.92
CA THR B 261 -12.38 20.53 -19.92
C THR B 261 -12.89 19.37 -19.08
N ASP B 262 -14.13 19.55 -18.61
CA ASP B 262 -14.84 18.52 -17.89
C ASP B 262 -15.99 18.09 -18.78
N TYR B 263 -16.00 16.82 -19.20
CA TYR B 263 -17.11 16.37 -20.04
C TYR B 263 -18.42 16.13 -19.31
N PRO B 264 -19.57 16.11 -20.04
CA PRO B 264 -20.81 15.66 -19.41
C PRO B 264 -20.64 14.21 -18.94
N TYR B 265 -21.13 13.86 -17.75
CA TYR B 265 -21.06 12.48 -17.24
C TYR B 265 -22.40 11.78 -17.53
N LEU B 266 -22.39 10.50 -17.89
CA LEU B 266 -23.64 9.73 -18.08
C LEU B 266 -24.32 9.58 -16.69
N ARG B 267 -25.57 10.07 -16.55
CA ARG B 267 -26.31 10.01 -15.27
C ARG B 267 -26.92 8.65 -14.97
N SER B 268 -27.03 7.79 -16.00
CA SER B 268 -27.55 6.44 -15.84
C SER B 268 -26.88 5.52 -16.85
N THR B 269 -26.61 4.27 -16.42
CA THR B 269 -25.97 3.21 -17.22
C THR B 269 -26.86 2.85 -18.44
N LYS B 270 -28.18 3.10 -18.34
CA LYS B 270 -29.11 2.81 -19.44
C LYS B 270 -29.22 4.01 -20.39
N ALA B 271 -28.10 4.68 -20.61
CA ALA B 271 -27.90 5.81 -21.52
C ALA B 271 -26.50 5.69 -22.15
N ALA B 272 -25.84 4.51 -22.00
CA ALA B 272 -24.51 4.25 -22.58
C ALA B 272 -24.59 4.39 -24.12
N GLY B 273 -23.56 5.02 -24.70
CA GLY B 273 -23.46 5.28 -26.13
C GLY B 273 -24.02 6.62 -26.58
N THR B 274 -24.72 7.36 -25.69
CA THR B 274 -25.32 8.66 -26.03
C THR B 274 -24.27 9.76 -26.20
N LEU B 275 -23.07 9.52 -25.70
CA LEU B 275 -21.94 10.45 -25.78
C LEU B 275 -20.89 10.00 -26.81
N ASP B 276 -21.15 8.91 -27.57
CA ASP B 276 -20.24 8.39 -28.59
C ASP B 276 -19.88 9.47 -29.60
N GLU B 277 -20.91 10.16 -30.13
CA GLU B 277 -20.71 11.24 -31.09
C GLU B 277 -19.92 12.40 -30.49
N LEU B 278 -20.22 12.79 -29.25
CA LEU B 278 -19.54 13.85 -28.52
C LEU B 278 -18.04 13.55 -28.36
N TYR B 279 -17.66 12.35 -27.91
CA TYR B 279 -16.26 11.97 -27.75
C TYR B 279 -15.50 11.88 -29.08
N SER B 280 -16.15 11.32 -30.11
CA SER B 280 -15.59 11.18 -31.44
C SER B 280 -15.33 12.52 -32.13
N LYS B 281 -16.32 13.43 -32.10
CA LYS B 281 -16.21 14.72 -32.75
C LYS B 281 -15.26 15.66 -32.01
N THR B 282 -15.31 15.67 -30.67
CA THR B 282 -14.40 16.51 -29.90
C THR B 282 -12.98 16.04 -30.06
N SER B 283 -12.73 14.73 -30.14
CA SER B 283 -11.38 14.21 -30.36
C SER B 283 -10.80 14.81 -31.65
N GLU B 284 -11.60 14.79 -32.74
CA GLU B 284 -11.22 15.32 -34.05
C GLU B 284 -10.99 16.82 -34.00
N GLU B 285 -11.93 17.58 -33.38
CA GLU B 285 -11.85 19.03 -33.24
C GLU B 285 -10.70 19.45 -32.36
N PHE B 286 -10.44 18.73 -31.26
CA PHE B 286 -9.33 19.00 -30.35
C PHE B 286 -8.01 18.82 -31.10
N GLU B 287 -7.87 17.74 -31.87
CA GLU B 287 -6.66 17.50 -32.66
C GLU B 287 -6.48 18.64 -33.69
N ARG B 288 -7.57 19.07 -34.34
CA ARG B 288 -7.60 20.13 -35.36
C ARG B 288 -7.15 21.50 -34.82
N VAL B 289 -7.67 21.89 -33.67
CA VAL B 289 -7.55 23.19 -33.06
C VAL B 289 -6.23 23.34 -32.27
N LEU B 290 -5.68 22.25 -31.73
CA LEU B 290 -4.42 22.26 -31.00
C LEU B 290 -3.24 22.48 -31.89
N LYS B 291 -2.28 23.24 -31.39
CA LYS B 291 -1.00 23.46 -32.03
C LYS B 291 -0.27 22.11 -31.87
N LYS B 292 0.69 21.78 -32.76
CA LYS B 292 1.49 20.53 -32.70
C LYS B 292 2.20 20.48 -31.37
N GLY B 293 2.16 19.32 -30.71
CA GLY B 293 2.69 19.18 -29.36
C GLY B 293 1.75 19.74 -28.31
N GLY B 294 0.55 20.17 -28.75
CA GLY B 294 -0.49 20.71 -27.88
C GLY B 294 -1.08 19.66 -26.95
N ARG B 295 -1.57 20.10 -25.80
CA ARG B 295 -2.18 19.20 -24.83
C ARG B 295 -3.62 19.56 -24.46
N ALA B 296 -4.41 18.51 -24.18
CA ALA B 296 -5.78 18.56 -23.72
C ALA B 296 -5.82 17.78 -22.42
N ALA B 297 -6.24 18.43 -21.34
CA ALA B 297 -6.42 17.83 -20.02
C ALA B 297 -7.92 17.68 -19.89
N ILE B 298 -8.39 16.43 -19.88
CA ILE B 298 -9.81 16.15 -19.92
C ILE B 298 -10.27 15.30 -18.72
N VAL B 299 -11.51 15.55 -18.28
CA VAL B 299 -12.16 14.84 -17.17
C VAL B 299 -13.46 14.18 -17.65
N THR B 300 -13.58 12.87 -17.42
CA THR B 300 -14.74 12.08 -17.82
C THR B 300 -15.23 11.20 -16.63
N ASN B 301 -16.33 10.45 -16.83
CA ASN B 301 -16.79 9.50 -15.81
C ASN B 301 -16.76 8.06 -16.40
N ILE B 302 -16.33 7.93 -17.66
CA ILE B 302 -16.19 6.70 -18.45
C ILE B 302 -14.79 6.60 -19.11
N ASP B 303 -14.35 5.36 -19.44
CA ASP B 303 -13.06 5.09 -20.08
C ASP B 303 -13.20 5.44 -21.55
N VAL B 304 -12.47 6.45 -22.01
CA VAL B 304 -12.62 6.99 -23.37
C VAL B 304 -11.31 6.98 -24.19
N GLU B 305 -10.35 6.10 -23.83
CA GLU B 305 -9.07 5.97 -24.52
C GLU B 305 -9.21 5.71 -26.01
N SER B 306 -10.14 4.82 -26.40
CA SER B 306 -10.34 4.48 -27.81
C SER B 306 -10.67 5.71 -28.65
N PHE B 307 -11.46 6.66 -28.11
CA PHE B 307 -11.87 7.88 -28.82
C PHE B 307 -10.73 8.86 -29.09
N PHE B 308 -9.63 8.75 -28.31
CA PHE B 308 -8.47 9.63 -28.41
C PHE B 308 -7.21 8.83 -28.78
N SER B 309 -7.37 7.83 -29.69
CA SER B 309 -6.23 7.00 -30.11
C SER B 309 -5.30 7.79 -31.04
N ASN B 310 -5.80 8.95 -31.56
CA ASN B 310 -5.08 9.88 -32.40
C ASN B 310 -3.97 10.63 -31.60
N PHE B 311 -4.13 10.71 -30.28
CA PHE B 311 -3.25 11.41 -29.35
C PHE B 311 -2.30 10.48 -28.65
N GLU B 312 -1.26 11.07 -28.03
CA GLU B 312 -0.40 10.36 -27.12
C GLU B 312 -1.14 10.52 -25.77
N ILE B 313 -1.36 9.42 -25.07
CA ILE B 313 -1.99 9.45 -23.75
C ILE B 313 -0.83 9.53 -22.76
N GLU B 314 -0.44 10.77 -22.40
CA GLU B 314 0.67 11.06 -21.48
C GLU B 314 0.36 10.67 -20.04
N MET B 315 -0.91 10.77 -19.64
CA MET B 315 -1.33 10.48 -18.28
C MET B 315 -2.78 10.05 -18.24
N LYS B 316 -3.10 9.15 -17.34
CA LYS B 316 -4.45 8.71 -17.03
C LYS B 316 -4.51 8.43 -15.57
N THR B 317 -5.29 9.19 -14.85
CA THR B 317 -5.43 8.96 -13.41
C THR B 317 -6.92 8.86 -13.09
N GLU B 318 -7.22 8.32 -11.91
CA GLU B 318 -8.60 8.13 -11.46
C GLU B 318 -8.81 8.70 -10.07
N GLU B 319 -9.93 9.40 -9.88
CA GLU B 319 -10.33 9.98 -8.61
C GLU B 319 -11.75 9.54 -8.28
N ARG B 320 -11.91 8.67 -7.27
CA ARG B 320 -13.25 8.20 -6.90
C ARG B 320 -13.95 9.21 -5.98
N VAL B 321 -15.08 9.75 -6.47
CA VAL B 321 -15.92 10.72 -5.77
C VAL B 321 -16.74 9.92 -4.75
N HIS B 322 -17.70 9.11 -5.25
CA HIS B 322 -18.54 8.23 -4.44
C HIS B 322 -18.52 6.80 -5.04
N GLY B 323 -19.35 5.92 -4.50
CA GLY B 323 -19.46 4.52 -4.92
C GLY B 323 -19.73 4.26 -6.39
N SER B 324 -20.42 5.20 -7.07
CA SER B 324 -20.76 5.07 -8.49
C SER B 324 -20.22 6.21 -9.39
N LEU B 325 -19.33 7.05 -8.85
CA LEU B 325 -18.69 8.12 -9.62
C LEU B 325 -17.18 8.07 -9.46
N THR B 326 -16.51 7.65 -10.53
CA THR B 326 -15.05 7.64 -10.62
C THR B 326 -14.68 8.51 -11.80
N ARG B 327 -13.95 9.57 -11.51
CA ARG B 327 -13.48 10.48 -12.52
C ARG B 327 -12.22 9.90 -13.12
N ARG B 328 -12.17 9.93 -14.44
CA ARG B 328 -11.02 9.56 -15.25
C ARG B 328 -10.44 10.91 -15.69
N ILE B 329 -9.17 11.14 -15.43
CA ILE B 329 -8.49 12.39 -15.77
C ILE B 329 -7.34 12.02 -16.70
N TYR B 330 -7.42 12.52 -17.92
CA TYR B 330 -6.45 12.22 -18.96
C TYR B 330 -5.62 13.42 -19.38
N LEU B 331 -4.33 13.18 -19.63
CA LEU B 331 -3.54 14.23 -20.25
C LEU B 331 -3.26 13.70 -21.65
N LEU B 332 -3.71 14.45 -22.65
CA LEU B 332 -3.55 14.06 -24.05
C LEU B 332 -2.62 14.97 -24.79
N ARG B 333 -1.80 14.41 -25.69
CA ARG B 333 -0.87 15.24 -26.44
C ARG B 333 -0.94 14.99 -27.94
N ARG B 334 -1.13 16.08 -28.71
CA ARG B 334 -1.13 16.02 -30.17
C ARG B 334 0.27 15.65 -30.68
N HIS B 335 0.36 14.66 -31.59
CA HIS B 335 1.59 14.18 -32.22
C HIS B 335 2.19 15.26 -33.12
N SFG C . 16.06 -30.39 3.01
CA SFG C . 17.32 -30.42 3.78
C SFG C . 18.50 -31.11 3.06
O SFG C . 19.62 -31.15 3.51
OXT SFG C . 18.16 -31.67 1.93
CB SFG C . 17.08 -31.08 5.21
CG SFG C . 16.69 -32.56 5.12
CD SFG C . 16.85 -33.39 6.39
NE SFG C . 15.87 -32.98 7.39
C5' SFG C . 18.27 -33.37 6.96
C4' SFG C . 18.48 -34.26 8.17
O4' SFG C . 17.83 -35.53 7.96
C3' SFG C . 19.93 -34.55 8.52
O3' SFG C . 20.20 -34.16 9.86
C2' SFG C . 20.09 -36.06 8.27
O2' SFG C . 20.98 -36.68 9.18
C1' SFG C . 18.66 -36.55 8.45
N9 SFG C . 18.34 -37.77 7.71
C8 SFG C . 18.36 -37.97 6.37
N7 SFG C . 17.91 -39.15 5.99
C5 SFG C . 17.57 -39.77 7.18
C6 SFG C . 16.98 -41.01 7.48
N6 SFG C . 16.68 -41.94 6.56
N1 SFG C . 16.70 -41.28 8.78
C2 SFG C . 16.98 -40.37 9.71
N3 SFG C . 17.56 -39.17 9.55
C4 SFG C . 17.83 -38.92 8.26
C1 EDO D . 3.37 -20.25 22.04
O1 EDO D . 4.59 -19.86 21.42
C2 EDO D . 2.19 -20.13 21.04
O2 EDO D . 0.99 -20.60 21.65
C1 EDO E . 4.26 -10.83 5.58
O1 EDO E . 4.02 -12.08 6.18
C2 EDO E . 2.94 -10.23 5.04
O2 EDO E . 2.35 -11.15 4.14
C1 EDO F . 25.10 -40.02 20.40
O1 EDO F . 25.55 -39.19 21.46
C2 EDO F . 23.68 -39.56 20.07
O2 EDO F . 23.21 -40.19 18.91
N SFG G . -19.29 16.83 -15.53
CA SFG G . -20.35 17.84 -15.38
C SFG G . -21.74 17.24 -15.68
O SFG G . -21.88 16.08 -16.05
OXT SFG G . -22.74 18.10 -15.52
CB SFG G . -20.07 19.14 -16.26
CG SFG G . -20.02 18.89 -17.77
CD SFG G . -20.01 20.13 -18.65
NE SFG G . -18.73 20.87 -18.51
C5' SFG G . -21.20 21.06 -18.42
C4' SFG G . -21.29 22.27 -19.34
O4' SFG G . -20.93 21.85 -20.66
C3' SFG G . -22.68 22.91 -19.42
O3' SFG G . -22.65 24.29 -19.12
C2' SFG G . -23.18 22.55 -20.83
O2' SFG G . -23.97 23.60 -21.38
C1' SFG G . -21.86 22.38 -21.59
N9 SFG G . -21.91 21.46 -22.74
C8 SFG G . -22.32 20.15 -22.75
N7 SFG G . -22.25 19.59 -23.93
C5 SFG G . -21.77 20.60 -24.75
C6 SFG G . -21.49 20.65 -26.13
N6 SFG G . -21.62 19.60 -26.96
N1 SFG G . -21.04 21.81 -26.64
C2 SFG G . -20.86 22.85 -25.80
N3 SFG G . -21.08 22.92 -24.49
C4 SFG G . -21.56 21.75 -24.03
C1 EDO H . -15.06 3.72 -31.80
O1 EDO H . -14.53 3.81 -33.12
C2 EDO H . -13.98 4.11 -30.78
O2 EDO H . -13.50 5.42 -31.06
#